data_2FO1
#
_entry.id   2FO1
#
_cell.length_a   66.093
_cell.length_b   96.785
_cell.length_c   243.538
_cell.angle_alpha   90.00
_cell.angle_beta   90.00
_cell.angle_gamma   90.00
#
_symmetry.space_group_name_H-M   'P 21 21 21'
#
loop_
_entity.id
_entity.type
_entity.pdbx_description
1 polymer "5'-D(*TP*TP*AP*CP*TP*GP*TP*GP*GP*GP*AP*AP*AP*GP*A)-3'"
2 polymer "5'-D(*AP*AP*TP*CP*TP*TP*TP*CP*CP*CP*AP*CP*AP*GP*T)-3'"
3 polymer 'Lin-12 and glp-1 phenotype protein 1, isoform b'
4 polymer 'Protein lag-3'
5 polymer 'Lin-12 protein'
#
loop_
_entity_poly.entity_id
_entity_poly.type
_entity_poly.pdbx_seq_one_letter_code
_entity_poly.pdbx_strand_id
1 'polydeoxyribonucleotide' (DT)(DT)(DA)(DC)(DT)(DG)(DT)(DG)(DG)(DG)(DA)(DA)(DA)(DG)(DA) B
2 'polydeoxyribonucleotide' (DA)(DA)(DT)(DC)(DT)(DT)(DT)(DC)(DC)(DC)(DA)(DC)(DA)(DG)(DT) C
3 'polypeptide(L)'
;GPLGSGDSVQSLTSDRMIDFLSNKEKYECVISIFHAKVAQKSYGNEKRFFCPPPCIYLIGQGWKLKKDRVAQLYKTLKAS
AQKDAAIENDPIHEQQATELVAYIGIGSDTSERQQLDFSTGKVRHPGDQRQDPNIYDYCAAKTLYISDSDKRKYFDLNAQ
FFYGCGMEIGGFVSQRIKVISKPSKKKQSMKNTDCKYLCIASGTKVALFNRLRSQTVSTRYLHVEGNAFHASSTKWGAFT
IHLFDDERGLQETDNFAVRDGFVYYGSVVKLVDSVTGIALPRLRIRKVDKQQVILDASCSEEPVSQLHKCAFQMIDNELV
YLCLSHDKIIQHQATAINEHRHQINDGAAWTIISTDKAEYRFFEAMGQVANPISPCPVVGSLEVDGHGEASRVELHGRDF
KPNLKVWFGATPVETTFRSEESLHCSIPPVSQVRNEQTHWMFTNRTTGDVEVPISLVRDDGVVYSSGLTFSYKSLER
;
A
4 'polypeptide(L)'
;SPNPEDEPTIGDLNAFHSGEELHRQRSELARANYEKARPEMIANQRAVTAHLFNRYTEDEERKRVEQQKNKEAMNASTSA
PTSSR
;
D
5 'polypeptide(L)'
;GSGNRTRKRR(MSE)INASVW(MSE)PP(MSE)ENEEKNRKNHQSITSSQHSLLEASYDGYIKRQRNELQHYSLYPNPQG
YGNGNDFLGDFNHTNLQIPTEPEPESPIKLHTEAAGSYAITEPITRESVNIIDPRHNRTVLHWIASNSSAEKSEDLIVHE
AKECIAAGADVNA(MSE)DCDENTPL(MSE)LAVLARRRRLVAYL(MSE)KAGADPTIYNKSERSALHQAAANRDFG
(MSE)(MSE)VY(MSE)LNSTKLKGDIEELDRNG(MSE)TAL(MSE)IVAHNEGRDQVASAKLLVEKGAKVDYDGAARKD
SEKYKGRTALHYAAQVSN(MSE)PIVKYLVGEKGSNKDKQDEDGKTPI(MSE)LAAQEGRIEVV(MSE)YLIQQGASVEA
VDATDHTARQLAQANNHHNIVDIFDRCRPERE
;
E
#
loop_
_chem_comp.id
_chem_comp.type
_chem_comp.name
_chem_comp.formula
DA DNA linking 2'-DEOXYADENOSINE-5'-MONOPHOSPHATE 'C10 H14 N5 O6 P'
DC DNA linking 2'-DEOXYCYTIDINE-5'-MONOPHOSPHATE 'C9 H14 N3 O7 P'
DG DNA linking 2'-DEOXYGUANOSINE-5'-MONOPHOSPHATE 'C10 H14 N5 O7 P'
DT DNA linking THYMIDINE-5'-MONOPHOSPHATE 'C10 H15 N2 O8 P'
#
# COMPACT_ATOMS: atom_id res chain seq x y z
N VAL C 9 9.95 12.09 -27.98
CA VAL C 9 9.40 10.77 -27.56
C VAL C 9 10.52 9.76 -27.27
N GLN C 10 10.61 9.35 -26.01
CA GLN C 10 11.63 8.39 -25.56
C GLN C 10 10.97 7.11 -25.04
N SER C 11 9.96 6.62 -25.76
CA SER C 11 9.24 5.41 -25.37
C SER C 11 10.21 4.27 -25.02
N LEU C 12 9.71 3.28 -24.28
CA LEU C 12 10.55 2.16 -23.88
C LEU C 12 10.55 1.01 -24.87
N THR C 13 11.73 0.44 -25.08
CA THR C 13 11.91 -0.69 -26.00
C THR C 13 12.16 -1.98 -25.23
N SER C 14 11.42 -3.01 -25.60
CA SER C 14 11.56 -4.30 -24.95
C SER C 14 13.03 -4.53 -24.56
N ASP C 15 13.91 -4.37 -25.53
CA ASP C 15 15.34 -4.56 -25.30
C ASP C 15 15.87 -3.71 -24.14
N ARG C 16 15.64 -2.40 -24.19
CA ARG C 16 16.13 -1.50 -23.14
C ARG C 16 15.66 -2.00 -21.78
N MET C 17 14.35 -2.25 -21.68
CA MET C 17 13.75 -2.72 -20.45
C MET C 17 14.54 -3.87 -19.85
N ILE C 18 14.88 -4.85 -20.68
CA ILE C 18 15.66 -5.99 -20.20
C ILE C 18 16.94 -5.49 -19.55
N ASP C 19 17.64 -4.59 -20.23
CA ASP C 19 18.89 -4.06 -19.70
C ASP C 19 18.68 -3.58 -18.26
N PHE C 20 17.48 -3.05 -17.98
CA PHE C 20 17.14 -2.56 -16.65
C PHE C 20 16.78 -3.72 -15.75
N LEU C 21 15.61 -4.30 -16.03
CA LEU C 21 15.09 -5.43 -15.28
C LEU C 21 16.18 -6.43 -14.93
N SER C 22 17.24 -6.46 -15.75
CA SER C 22 18.34 -7.38 -15.52
C SER C 22 19.27 -6.92 -14.41
N ASN C 23 19.63 -5.64 -14.42
CA ASN C 23 20.54 -5.11 -13.41
C ASN C 23 19.95 -3.92 -12.67
N LYS C 24 18.76 -4.09 -12.11
CA LYS C 24 18.14 -3.00 -11.37
C LYS C 24 19.16 -2.31 -10.47
N GLU C 25 19.91 -3.12 -9.72
CA GLU C 25 20.91 -2.62 -8.80
C GLU C 25 21.81 -1.54 -9.40
N LYS C 26 22.37 -1.83 -10.56
CA LYS C 26 23.25 -0.90 -11.27
C LYS C 26 22.48 0.22 -11.95
N TYR C 27 21.19 0.33 -11.66
CA TYR C 27 20.35 1.36 -12.30
C TYR C 27 19.36 2.13 -11.42
N GLU C 28 18.36 1.40 -10.93
CA GLU C 28 17.29 1.92 -10.10
C GLU C 28 17.64 3.00 -9.10
N CYS C 29 16.67 3.89 -8.87
CA CYS C 29 16.83 4.98 -7.91
C CYS C 29 15.77 4.93 -6.82
N VAL C 30 16.20 4.59 -5.61
CA VAL C 30 15.29 4.50 -4.48
C VAL C 30 15.50 5.72 -3.63
N ILE C 31 14.41 6.26 -3.09
CA ILE C 31 14.51 7.43 -2.23
C ILE C 31 13.39 7.27 -1.20
N SER C 32 13.73 7.05 0.08
CA SER C 32 12.71 6.87 1.11
C SER C 32 12.68 8.01 2.14
N ILE C 33 11.48 8.31 2.62
CA ILE C 33 11.26 9.43 3.52
C ILE C 33 10.56 9.02 4.80
N PHE C 34 11.28 8.85 5.89
CA PHE C 34 10.62 8.46 7.15
C PHE C 34 10.11 9.68 7.87
N HIS C 35 9.06 9.54 8.67
CA HIS C 35 8.56 10.68 9.43
C HIS C 35 7.58 10.30 10.52
N ALA C 36 7.30 11.26 11.39
CA ALA C 36 6.39 11.02 12.48
C ALA C 36 4.96 11.11 11.99
N LYS C 37 4.05 10.44 12.69
CA LYS C 37 2.65 10.46 12.33
C LYS C 37 1.92 11.53 13.13
N VAL C 38 2.64 12.24 13.97
CA VAL C 38 2.01 13.27 14.78
C VAL C 38 3.08 14.28 15.15
N ALA C 39 2.74 15.56 15.17
CA ALA C 39 3.73 16.57 15.51
C ALA C 39 3.14 17.51 16.56
N GLN C 40 4.01 18.01 17.45
CA GLN C 40 3.56 18.89 18.51
C GLN C 40 3.67 20.35 18.12
N LYS C 41 2.54 21.06 18.08
CA LYS C 41 2.55 22.47 17.68
C LYS C 41 3.41 23.27 18.64
N SER C 42 3.97 24.38 18.14
CA SER C 42 4.81 25.25 18.96
C SER C 42 4.05 26.56 19.18
N TYR C 43 4.13 27.09 20.40
CA TYR C 43 3.39 28.30 20.77
C TYR C 43 4.09 29.65 20.79
N GLY C 44 3.42 30.63 20.20
CA GLY C 44 3.93 31.97 20.15
C GLY C 44 5.15 32.08 19.28
N ASN C 45 6.32 32.16 19.90
CA ASN C 45 7.57 32.29 19.16
C ASN C 45 8.56 31.16 19.36
N GLU C 46 8.28 30.27 20.29
CA GLU C 46 9.19 29.15 20.53
C GLU C 46 9.19 28.27 19.30
N LYS C 47 10.15 27.36 19.25
CA LYS C 47 10.26 26.43 18.16
C LYS C 47 10.40 25.04 18.79
N ARG C 48 9.43 24.16 18.54
CA ARG C 48 9.47 22.78 19.08
C ARG C 48 9.68 21.81 17.94
N PHE C 49 10.94 21.61 17.59
CA PHE C 49 11.32 20.72 16.49
C PHE C 49 10.63 19.39 16.51
N PHE C 50 10.23 18.92 15.33
CA PHE C 50 9.57 17.64 15.22
C PHE C 50 10.51 16.56 15.73
N CYS C 51 10.01 15.57 16.47
CA CYS C 51 10.88 14.50 16.93
C CYS C 51 10.19 13.16 17.15
N PRO C 52 10.72 12.10 16.54
CA PRO C 52 11.89 12.06 15.67
C PRO C 52 11.76 13.04 14.52
N PRO C 53 12.87 13.30 13.82
CA PRO C 53 12.88 14.22 12.68
C PRO C 53 12.73 13.49 11.37
N PRO C 54 11.94 14.06 10.46
CA PRO C 54 11.70 13.49 9.14
C PRO C 54 13.03 13.44 8.44
N CYS C 55 13.48 12.25 8.03
CA CYS C 55 14.73 12.20 7.32
C CYS C 55 14.56 11.42 6.03
N ILE C 56 15.31 11.85 5.02
CA ILE C 56 15.26 11.28 3.68
C ILE C 56 16.50 10.44 3.43
N TYR C 57 16.29 9.23 2.94
CA TYR C 57 17.40 8.35 2.62
C TYR C 57 17.50 8.25 1.11
N LEU C 58 18.71 8.26 0.59
CA LEU C 58 18.94 8.13 -0.85
C LEU C 58 19.56 6.75 -1.04
N ILE C 59 18.73 5.82 -1.50
CA ILE C 59 19.17 4.44 -1.70
C ILE C 59 19.47 4.03 -3.12
N GLY C 60 20.36 3.06 -3.24
CA GLY C 60 20.75 2.52 -4.54
C GLY C 60 22.00 3.15 -5.08
N GLN C 61 22.63 2.52 -6.06
CA GLN C 61 23.83 3.09 -6.65
C GLN C 61 23.48 3.80 -7.97
N GLY C 62 22.18 3.85 -8.28
CA GLY C 62 21.76 4.52 -9.49
C GLY C 62 21.84 6.01 -9.30
N TRP C 63 21.97 6.42 -8.04
CA TRP C 63 22.07 7.83 -7.67
C TRP C 63 23.40 8.40 -8.15
N LYS C 64 24.37 7.50 -8.32
CA LYS C 64 25.70 7.86 -8.78
C LYS C 64 25.58 7.98 -10.30
N LEU C 65 24.99 6.97 -10.92
CA LEU C 65 24.80 6.96 -12.35
C LEU C 65 23.94 8.15 -12.73
N LYS C 66 22.93 8.43 -11.90
CA LYS C 66 22.04 9.54 -12.17
C LYS C 66 22.86 10.82 -12.26
N LYS C 67 23.93 10.88 -11.48
CA LYS C 67 24.82 12.05 -11.46
C LYS C 67 25.43 12.23 -12.83
N ASP C 68 26.13 11.20 -13.27
CA ASP C 68 26.80 11.19 -14.57
C ASP C 68 25.87 11.57 -15.71
N ARG C 69 24.69 10.95 -15.77
CA ARG C 69 23.74 11.25 -16.83
C ARG C 69 23.51 12.76 -16.99
N VAL C 70 24.06 13.52 -16.04
CA VAL C 70 23.96 14.98 -16.04
C VAL C 70 25.37 15.57 -16.08
N ALA C 71 26.31 14.95 -15.39
CA ALA C 71 27.69 15.44 -15.38
C ALA C 71 28.17 15.51 -16.83
N GLN C 72 27.87 14.47 -17.62
CA GLN C 72 28.26 14.45 -19.03
C GLN C 72 27.17 15.13 -19.86
N LEU C 73 26.47 16.07 -19.23
CA LEU C 73 25.42 16.83 -19.90
C LEU C 73 25.62 18.33 -19.66
N TYR C 74 26.18 18.70 -18.51
CA TYR C 74 26.41 20.12 -18.25
C TYR C 74 27.60 20.52 -19.11
N LYS C 75 28.62 19.66 -19.14
CA LYS C 75 29.80 19.93 -19.94
C LYS C 75 29.51 19.64 -21.41
N THR C 76 28.92 18.47 -21.67
CA THR C 76 28.60 18.07 -23.04
C THR C 76 27.35 18.79 -23.54
N LEU C 77 27.12 19.99 -23.01
CA LEU C 77 25.99 20.83 -23.42
C LEU C 77 26.51 22.25 -23.25
N LYS C 78 27.69 22.35 -22.64
CA LYS C 78 28.35 23.63 -22.44
C LYS C 78 28.62 24.07 -23.88
N ALA C 79 29.61 23.44 -24.49
CA ALA C 79 30.01 23.69 -25.88
C ALA C 79 29.86 25.13 -26.39
N SER C 80 30.86 25.97 -26.10
CA SER C 80 30.87 27.38 -26.52
C SER C 80 31.88 28.24 -25.76
N ALA C 81 31.84 29.55 -26.01
CA ALA C 81 32.74 30.50 -25.35
C ALA C 81 32.45 31.93 -25.84
N ILE C 92 35.37 25.87 -12.53
CA ILE C 92 35.13 25.58 -11.12
C ILE C 92 33.64 25.53 -10.82
N HIS C 93 32.84 26.08 -11.73
CA HIS C 93 31.38 26.10 -11.59
C HIS C 93 30.81 24.74 -12.01
N GLU C 94 31.69 23.74 -12.09
CA GLU C 94 31.30 22.39 -12.48
C GLU C 94 30.86 21.58 -11.27
N GLN C 95 31.75 21.49 -10.28
CA GLN C 95 31.49 20.76 -9.05
C GLN C 95 30.17 21.21 -8.39
N GLN C 96 29.58 22.27 -8.94
CA GLN C 96 28.33 22.83 -8.44
C GLN C 96 27.09 22.35 -9.19
N ALA C 97 27.26 22.04 -10.47
CA ALA C 97 26.15 21.60 -11.29
C ALA C 97 25.87 20.10 -11.17
N THR C 98 26.34 19.50 -10.08
CA THR C 98 26.13 18.08 -9.86
C THR C 98 25.64 17.86 -8.45
N GLU C 99 25.52 18.95 -7.70
CA GLU C 99 25.07 18.87 -6.31
C GLU C 99 23.60 18.47 -6.17
N LEU C 100 23.27 17.89 -5.03
CA LEU C 100 21.89 17.49 -4.74
C LEU C 100 21.22 18.56 -3.92
N VAL C 101 20.30 19.29 -4.53
CA VAL C 101 19.61 20.32 -3.78
C VAL C 101 18.23 19.84 -3.37
N ALA C 102 17.97 19.92 -2.07
CA ALA C 102 16.69 19.45 -1.57
C ALA C 102 16.17 20.28 -0.42
N TYR C 103 14.89 20.60 -0.52
CA TYR C 103 14.22 21.38 0.51
C TYR C 103 12.96 20.65 0.96
N ILE C 104 12.82 20.43 2.26
CA ILE C 104 11.65 19.76 2.80
C ILE C 104 10.84 20.86 3.43
N GLY C 105 9.53 20.69 3.51
CA GLY C 105 8.70 21.72 4.11
C GLY C 105 7.36 21.15 4.52
N ILE C 106 6.65 21.85 5.40
CA ILE C 106 5.37 21.35 5.87
C ILE C 106 4.24 22.02 5.13
N GLY C 107 3.04 21.95 5.68
CA GLY C 107 1.92 22.61 5.03
C GLY C 107 2.21 24.09 5.03
N SER C 108 3.48 24.39 4.80
CA SER C 108 4.00 25.74 4.77
C SER C 108 3.05 26.76 4.18
N ASP C 109 2.96 27.90 4.85
CA ASP C 109 2.13 28.99 4.39
C ASP C 109 2.88 30.26 4.79
N THR C 110 3.81 30.10 5.74
CA THR C 110 4.63 31.21 6.24
C THR C 110 6.09 30.81 6.49
N SER C 111 6.36 29.50 6.46
CA SER C 111 7.72 29.00 6.66
C SER C 111 8.41 28.93 5.31
N GLU C 112 9.68 29.32 5.27
CA GLU C 112 10.41 29.31 4.01
C GLU C 112 10.48 27.96 3.33
N ARG C 113 10.71 26.89 4.10
CA ARG C 113 10.82 25.53 3.58
C ARG C 113 12.27 25.06 3.73
N GLN C 114 12.63 24.64 4.94
CA GLN C 114 13.98 24.15 5.31
C GLN C 114 14.82 23.38 4.26
N GLN C 115 16.15 23.51 4.34
CA GLN C 115 17.04 22.82 3.40
C GLN C 115 17.83 21.63 3.99
N LEU C 116 17.76 20.50 3.29
CA LEU C 116 18.47 19.30 3.70
C LEU C 116 19.85 19.44 3.07
N ASP C 117 20.89 18.89 3.72
CA ASP C 117 22.26 19.01 3.22
C ASP C 117 22.58 18.37 1.86
N PHE C 118 22.92 17.08 1.86
CA PHE C 118 23.23 16.35 0.60
C PHE C 118 24.43 16.89 -0.19
N SER C 119 25.07 17.95 0.34
CA SER C 119 26.22 18.57 -0.32
C SER C 119 27.44 17.66 -0.36
N THR C 120 28.20 17.78 -1.44
CA THR C 120 29.40 16.98 -1.62
C THR C 120 30.43 17.30 -0.53
N GLY C 121 30.33 18.50 0.02
CA GLY C 121 31.25 18.91 1.07
C GLY C 121 30.76 18.57 2.47
N LYS C 122 30.10 17.43 2.62
CA LYS C 122 29.59 17.03 3.93
C LYS C 122 30.44 15.91 4.52
N VAL C 123 30.67 16.02 5.83
CA VAL C 123 31.44 15.03 6.59
C VAL C 123 30.49 13.94 7.07
N ARG C 124 30.94 12.69 7.08
CA ARG C 124 30.09 11.57 7.50
C ARG C 124 29.74 11.50 9.00
N HIS C 125 30.74 11.48 9.87
CA HIS C 125 30.50 11.44 11.32
C HIS C 125 29.89 10.11 11.78
N PRO C 133 25.66 0.81 4.53
CA PRO C 133 25.47 -0.34 3.62
C PRO C 133 25.33 0.05 2.15
N ASN C 134 24.11 -0.04 1.66
CA ASN C 134 23.76 0.31 0.30
C ASN C 134 22.95 1.59 0.30
N ILE C 135 23.44 2.56 1.04
CA ILE C 135 22.80 3.86 1.17
C ILE C 135 23.60 5.00 0.59
N TYR C 136 23.24 5.39 -0.63
CA TYR C 136 23.94 6.48 -1.33
C TYR C 136 24.21 7.66 -0.39
N ASP C 137 23.16 8.28 0.16
CA ASP C 137 23.30 9.41 1.10
C ASP C 137 21.97 9.74 1.79
N TYR C 138 22.04 10.07 3.09
CA TYR C 138 20.84 10.37 3.88
C TYR C 138 20.93 11.68 4.62
N CYS C 139 19.81 12.41 4.72
CA CYS C 139 19.77 13.68 5.43
C CYS C 139 18.53 13.82 6.31
N ALA C 140 18.66 14.47 7.46
CA ALA C 140 17.55 14.65 8.39
C ALA C 140 17.16 16.13 8.60
N ALA C 141 15.86 16.41 8.62
CA ALA C 141 15.37 17.79 8.78
C ALA C 141 14.90 18.02 10.20
N LYS C 142 15.84 18.39 11.08
CA LYS C 142 15.49 18.60 12.48
C LYS C 142 15.42 20.04 12.90
N THR C 143 14.74 20.84 12.08
CA THR C 143 14.53 22.26 12.37
C THR C 143 13.09 22.56 12.12
N LEU C 144 12.38 21.61 11.50
CA LEU C 144 10.95 21.71 11.16
C LEU C 144 10.05 21.92 12.39
N TYR C 145 8.96 22.63 12.20
CA TYR C 145 8.07 22.87 13.33
C TYR C 145 6.84 23.62 12.85
N ILE C 146 5.73 23.38 13.50
CA ILE C 146 4.51 24.05 13.10
C ILE C 146 4.06 24.97 14.22
N SER C 147 3.65 26.17 13.83
CA SER C 147 3.18 27.19 14.77
C SER C 147 1.67 27.17 15.01
N ASP C 148 1.21 27.83 16.08
CA ASP C 148 -0.22 27.88 16.36
C ASP C 148 -0.90 28.79 15.32
N SER C 149 -0.08 29.51 14.58
CA SER C 149 -0.54 30.41 13.54
C SER C 149 -1.02 29.58 12.37
N ASP C 150 -0.68 28.29 12.40
CA ASP C 150 -1.09 27.36 11.37
C ASP C 150 -2.29 26.65 11.92
N LYS C 151 -3.48 27.14 11.61
CA LYS C 151 -4.66 26.52 12.17
C LYS C 151 -5.26 25.41 11.33
N ARG C 152 -4.45 24.40 11.04
CA ARG C 152 -4.88 23.23 10.29
C ARG C 152 -4.82 22.05 11.25
N LYS C 153 -5.73 21.10 11.09
CA LYS C 153 -5.74 19.96 11.98
C LYS C 153 -4.73 18.90 11.54
N TYR C 154 -4.40 18.87 10.26
CA TYR C 154 -3.43 17.92 9.73
C TYR C 154 -2.53 18.62 8.74
N PHE C 155 -1.53 17.92 8.24
CA PHE C 155 -0.63 18.53 7.29
C PHE C 155 0.38 17.51 6.83
N ASP C 156 0.83 17.63 5.58
CA ASP C 156 1.78 16.66 5.05
C ASP C 156 3.09 17.27 4.58
N LEU C 157 4.17 16.53 4.69
CA LEU C 157 5.48 17.01 4.28
C LEU C 157 5.55 17.23 2.78
N ASN C 158 6.50 18.08 2.36
CA ASN C 158 6.69 18.46 0.96
C ASN C 158 8.17 18.48 0.61
N ALA C 159 8.63 17.50 -0.15
CA ALA C 159 10.05 17.47 -0.50
C ALA C 159 10.35 17.69 -1.97
N GLN C 160 11.30 18.58 -2.25
CA GLN C 160 11.70 18.87 -3.62
C GLN C 160 13.17 18.60 -3.83
N PHE C 161 13.43 17.75 -4.81
CA PHE C 161 14.81 17.42 -5.12
C PHE C 161 15.10 17.88 -6.54
N PHE C 162 16.32 18.40 -6.72
CA PHE C 162 16.82 18.86 -8.01
C PHE C 162 18.35 18.98 -7.93
N TYR C 163 18.98 19.11 -9.09
CA TYR C 163 20.44 19.20 -9.15
C TYR C 163 20.98 20.62 -9.18
N GLY C 164 22.21 20.77 -8.68
CA GLY C 164 22.86 22.07 -8.65
C GLY C 164 22.66 22.85 -9.92
N CYS C 165 22.93 22.19 -11.04
CA CYS C 165 22.77 22.85 -12.32
C CYS C 165 21.30 23.06 -12.66
N GLY C 166 20.54 23.60 -11.71
CA GLY C 166 19.11 23.85 -11.94
C GLY C 166 18.36 22.72 -12.65
N MET C 167 18.82 21.48 -12.49
CA MET C 167 18.17 20.33 -13.13
C MET C 167 17.17 19.70 -12.16
N GLU C 168 15.95 19.46 -12.65
CA GLU C 168 14.88 18.91 -11.83
C GLU C 168 14.99 17.40 -11.56
N ILE C 169 14.24 16.96 -10.55
CA ILE C 169 14.19 15.54 -10.16
C ILE C 169 12.73 15.21 -9.94
N GLY C 170 12.16 15.79 -8.89
CA GLY C 170 10.77 15.57 -8.57
C GLY C 170 10.30 16.28 -7.33
N GLY C 171 9.03 16.05 -6.98
CA GLY C 171 8.43 16.67 -5.81
C GLY C 171 7.46 15.70 -5.15
N PHE C 172 7.75 15.37 -3.89
CA PHE C 172 6.92 14.44 -3.15
C PHE C 172 6.21 15.02 -1.94
N VAL C 173 5.32 14.22 -1.37
CA VAL C 173 4.55 14.59 -0.20
C VAL C 173 4.33 13.33 0.60
N SER C 174 4.39 13.45 1.93
CA SER C 174 4.19 12.28 2.77
C SER C 174 2.74 12.09 3.15
N GLN C 175 2.50 11.07 3.96
CA GLN C 175 1.16 10.80 4.42
C GLN C 175 0.80 11.95 5.35
N ARG C 176 -0.46 12.04 5.74
CA ARG C 176 -0.90 13.12 6.62
C ARG C 176 -0.24 12.98 7.99
N ILE C 177 -0.13 14.10 8.70
CA ILE C 177 0.46 14.15 10.03
C ILE C 177 -0.47 14.95 10.92
N LYS C 178 -0.79 14.42 12.10
CA LYS C 178 -1.72 15.14 12.97
C LYS C 178 -1.03 16.18 13.80
N VAL C 179 -1.76 17.20 14.18
CA VAL C 179 -1.17 18.22 15.01
C VAL C 179 -1.72 18.06 16.39
N ILE C 180 -0.85 18.05 17.39
CA ILE C 180 -1.30 17.90 18.77
C ILE C 180 -0.75 19.00 19.64
N SER C 181 -1.56 19.47 20.58
CA SER C 181 -1.19 20.54 21.51
C SER C 181 -0.15 20.08 22.51
N LYS C 182 -0.30 18.87 22.99
CA LYS C 182 0.63 18.34 23.95
C LYS C 182 0.14 16.92 24.06
N PRO C 183 1.03 15.98 24.36
CA PRO C 183 0.70 14.56 24.50
C PRO C 183 -0.17 14.31 25.73
N SER C 184 -1.40 13.81 25.54
CA SER C 184 -2.32 13.56 26.66
C SER C 184 -1.71 12.62 27.68
N LYS C 185 -1.90 12.96 28.95
CA LYS C 185 -1.35 12.21 30.09
C LYS C 185 -2.15 10.94 30.48
N LYS C 186 -3.48 11.08 30.58
CA LYS C 186 -4.34 9.97 30.94
C LYS C 186 -5.30 9.63 29.80
N ASP C 194 -11.53 10.64 16.69
CA ASP C 194 -10.58 9.69 16.11
C ASP C 194 -9.74 9.01 17.18
N CYS C 195 -9.21 7.83 16.86
CA CYS C 195 -8.40 7.10 17.83
C CYS C 195 -7.25 6.32 17.21
N LYS C 196 -7.14 6.32 15.89
CA LYS C 196 -6.03 5.59 15.26
C LYS C 196 -4.80 6.51 15.17
N TYR C 197 -5.01 7.76 15.55
CA TYR C 197 -3.95 8.78 15.53
C TYR C 197 -3.62 9.15 16.97
N LEU C 198 -4.26 8.49 17.91
CA LEU C 198 -4.02 8.80 19.29
C LEU C 198 -3.75 7.54 20.08
N CYS C 199 -3.89 6.39 19.42
CA CYS C 199 -3.63 5.08 20.01
C CYS C 199 -2.77 4.35 19.00
N ILE C 200 -1.90 3.46 19.46
CA ILE C 200 -1.10 2.74 18.50
C ILE C 200 -1.80 1.46 18.10
N ALA C 201 -1.95 1.28 16.79
CA ALA C 201 -2.66 0.15 16.21
C ALA C 201 -1.84 -1.12 15.97
N SER C 202 -2.46 -2.23 16.33
CA SER C 202 -1.85 -3.54 16.23
C SER C 202 -0.84 -3.72 15.12
N GLY C 203 -1.16 -3.33 13.90
CA GLY C 203 -0.20 -3.53 12.83
C GLY C 203 0.58 -2.33 12.32
N THR C 204 0.57 -1.24 13.06
CA THR C 204 1.25 -0.02 12.62
C THR C 204 2.76 0.07 12.87
N LYS C 205 3.37 1.18 12.43
CA LYS C 205 4.81 1.39 12.59
C LYS C 205 5.14 2.50 13.56
N VAL C 206 6.17 2.30 14.37
CA VAL C 206 6.58 3.31 15.33
C VAL C 206 8.08 3.35 15.49
N ALA C 207 8.52 4.31 16.29
CA ALA C 207 9.93 4.49 16.56
C ALA C 207 9.96 4.63 18.05
N LEU C 208 11.07 4.22 18.67
CA LEU C 208 11.20 4.29 20.12
C LEU C 208 12.45 5.14 20.38
N PHE C 209 12.29 6.25 21.10
CA PHE C 209 13.44 7.10 21.34
C PHE C 209 13.63 7.55 22.78
N ASN C 210 14.88 7.77 23.14
CA ASN C 210 15.23 8.20 24.50
C ASN C 210 15.80 9.61 24.51
N ARG C 211 15.49 10.34 25.57
CA ARG C 211 15.97 11.70 25.73
C ARG C 211 16.34 11.99 27.16
N LEU C 212 17.10 13.05 27.35
CA LEU C 212 17.56 13.45 28.68
C LEU C 212 17.39 14.91 29.03
N ARG C 213 16.77 15.14 30.19
CA ARG C 213 16.54 16.45 30.78
C ARG C 213 16.67 17.69 29.88
N SER C 214 15.52 18.33 29.61
CA SER C 214 15.43 19.54 28.80
C SER C 214 16.48 19.80 27.71
N GLN C 215 17.06 18.74 27.14
CA GLN C 215 18.05 18.92 26.08
C GLN C 215 17.98 17.90 24.93
N THR C 216 18.57 18.26 23.79
CA THR C 216 18.53 17.44 22.58
C THR C 216 19.73 16.53 22.30
N VAL C 217 20.92 17.12 22.15
CA VAL C 217 22.18 16.43 21.83
C VAL C 217 22.31 14.94 22.20
N SER C 218 21.53 14.51 23.19
CA SER C 218 21.58 13.14 23.67
C SER C 218 20.41 12.29 23.20
N THR C 219 19.87 12.56 22.01
CA THR C 219 18.72 11.78 21.58
C THR C 219 19.12 10.53 20.83
N ARG C 220 18.67 9.38 21.35
CA ARG C 220 18.95 8.09 20.73
C ARG C 220 17.64 7.44 20.24
N TYR C 221 17.72 6.71 19.13
CA TYR C 221 16.54 6.08 18.56
C TYR C 221 16.81 4.62 18.22
N LEU C 222 15.89 3.74 18.60
CA LEU C 222 16.02 2.31 18.35
C LEU C 222 16.13 2.14 16.84
N HIS C 223 17.22 1.52 16.40
CA HIS C 223 17.47 1.33 14.99
C HIS C 223 18.14 -0.05 14.78
N VAL C 224 18.28 -0.46 13.53
CA VAL C 224 18.93 -1.73 13.26
C VAL C 224 19.91 -1.62 12.11
N GLU C 225 21.19 -1.78 12.43
CA GLU C 225 22.24 -1.73 11.42
C GLU C 225 22.74 -3.15 11.25
N GLY C 226 23.27 -3.45 10.06
CA GLY C 226 23.80 -4.77 9.79
C GLY C 226 23.28 -5.88 10.69
N ASN C 227 22.14 -6.43 10.31
CA ASN C 227 21.51 -7.51 11.05
C ASN C 227 21.71 -7.52 12.57
N ALA C 228 21.32 -6.42 13.21
CA ALA C 228 21.44 -6.31 14.66
C ALA C 228 20.94 -4.96 15.19
N PHE C 229 20.33 -4.99 16.36
CA PHE C 229 19.80 -3.78 16.97
C PHE C 229 20.87 -3.01 17.74
N HIS C 230 20.55 -1.74 18.04
CA HIS C 230 21.43 -0.85 18.80
C HIS C 230 20.68 0.46 19.13
N ALA C 231 21.33 1.60 18.99
CA ALA C 231 20.64 2.85 19.31
C ALA C 231 21.36 4.05 18.69
N SER C 232 20.91 4.47 17.52
CA SER C 232 21.57 5.57 16.83
C SER C 232 21.30 6.95 17.37
N SER C 233 22.24 7.83 17.05
CA SER C 233 22.20 9.23 17.44
C SER C 233 21.91 9.93 16.13
N THR C 234 22.43 9.32 15.06
CA THR C 234 22.27 9.84 13.72
C THR C 234 20.85 9.67 13.19
N LYS C 235 20.41 8.41 13.06
CA LYS C 235 19.07 8.12 12.53
C LYS C 235 18.17 7.23 13.40
N TRP C 236 16.90 7.11 12.99
CA TRP C 236 15.92 6.29 13.72
C TRP C 236 15.22 5.32 12.79
N GLY C 237 14.80 4.18 13.34
CA GLY C 237 14.14 3.15 12.53
C GLY C 237 12.67 2.94 12.78
N ALA C 238 11.95 2.59 11.71
CA ALA C 238 10.51 2.37 11.77
C ALA C 238 10.26 0.90 12.04
N PHE C 239 9.61 0.63 13.16
CA PHE C 239 9.33 -0.75 13.57
C PHE C 239 7.85 -1.10 13.66
N THR C 240 7.41 -2.07 12.85
CA THR C 240 6.04 -2.50 12.86
C THR C 240 5.89 -3.09 14.25
N ILE C 241 4.88 -2.66 14.99
CA ILE C 241 4.69 -3.17 16.36
C ILE C 241 3.50 -4.10 16.37
N HIS C 242 3.74 -5.41 16.40
CA HIS C 242 2.66 -6.41 16.38
C HIS C 242 2.06 -6.80 17.72
N LEU C 243 0.77 -7.10 17.72
CA LEU C 243 0.14 -7.55 18.94
C LEU C 243 0.23 -9.06 18.87
N PHE C 244 1.02 -9.65 19.75
CA PHE C 244 1.19 -11.10 19.79
C PHE C 244 -0.13 -11.78 20.12
N ASP C 245 -0.44 -12.88 19.45
CA ASP C 245 -1.69 -13.56 19.71
C ASP C 245 -1.57 -14.88 20.48
N ASP C 246 -0.88 -15.87 19.91
CA ASP C 246 -0.76 -17.16 20.59
C ASP C 246 0.21 -18.14 19.89
N GLU C 247 -0.02 -19.44 20.14
CA GLU C 247 0.75 -20.58 19.61
C GLU C 247 1.22 -21.49 20.74
N ASP C 254 10.23 -18.22 15.47
CA ASP C 254 10.33 -17.55 14.17
C ASP C 254 8.99 -17.04 13.67
N ASN C 255 8.09 -17.97 13.31
CA ASN C 255 6.77 -17.56 12.84
C ASN C 255 5.83 -17.54 14.03
N PHE C 256 4.93 -16.56 14.09
CA PHE C 256 4.03 -16.43 15.22
C PHE C 256 2.70 -15.76 14.97
N ALA C 257 1.81 -15.87 15.95
CA ALA C 257 0.49 -15.30 15.87
C ALA C 257 0.45 -13.82 16.20
N VAL C 258 -0.21 -13.05 15.33
CA VAL C 258 -0.40 -11.60 15.46
C VAL C 258 -1.88 -11.29 15.29
N ARG C 259 -2.44 -10.49 16.17
CA ARG C 259 -3.87 -10.15 16.08
C ARG C 259 -4.10 -8.69 15.71
N ASP C 260 -5.36 -8.28 15.74
CA ASP C 260 -5.69 -6.90 15.42
C ASP C 260 -6.16 -6.32 16.71
N GLY C 261 -5.79 -5.06 16.95
CA GLY C 261 -6.22 -4.38 18.16
C GLY C 261 -5.22 -3.34 18.65
N PHE C 262 -5.70 -2.25 19.25
CA PHE C 262 -4.80 -1.23 19.74
C PHE C 262 -3.92 -1.82 20.82
N VAL C 263 -2.64 -1.50 20.77
CA VAL C 263 -1.71 -2.01 21.75
C VAL C 263 -2.12 -1.43 23.10
N TYR C 264 -2.37 -2.30 24.07
CA TYR C 264 -2.77 -1.89 25.42
C TYR C 264 -1.62 -2.23 26.38
N TYR C 265 -1.39 -1.41 27.40
CA TYR C 265 -0.29 -1.65 28.36
C TYR C 265 -0.39 -3.03 28.99
N GLY C 266 0.70 -3.77 28.96
CA GLY C 266 0.69 -5.09 29.55
C GLY C 266 0.33 -6.18 28.57
N SER C 267 0.43 -5.87 27.28
CA SER C 267 0.13 -6.81 26.21
C SER C 267 1.45 -7.27 25.58
N VAL C 268 1.51 -8.53 25.15
CA VAL C 268 2.74 -9.02 24.53
C VAL C 268 2.91 -8.37 23.19
N VAL C 269 4.00 -7.65 23.02
CA VAL C 269 4.24 -6.93 21.79
C VAL C 269 5.49 -7.41 21.04
N LYS C 270 5.36 -7.62 19.75
CA LYS C 270 6.50 -8.05 18.95
C LYS C 270 6.97 -6.89 18.05
N LEU C 271 8.18 -6.38 18.27
CA LEU C 271 8.71 -5.28 17.45
C LEU C 271 9.55 -5.77 16.28
N VAL C 272 9.06 -5.56 15.07
CA VAL C 272 9.78 -5.97 13.88
C VAL C 272 10.25 -4.76 13.10
N ASP C 273 11.50 -4.77 12.63
CA ASP C 273 12.02 -3.67 11.83
C ASP C 273 11.33 -3.76 10.46
N SER C 274 10.95 -2.61 9.89
CA SER C 274 10.26 -2.60 8.61
C SER C 274 11.15 -2.82 7.39
N VAL C 275 12.42 -2.49 7.51
CA VAL C 275 13.32 -2.66 6.37
C VAL C 275 13.91 -4.06 6.28
N THR C 276 14.87 -4.32 7.16
CA THR C 276 15.59 -5.60 7.21
C THR C 276 14.66 -6.80 7.30
N GLY C 277 13.85 -6.83 8.35
CA GLY C 277 12.94 -7.94 8.57
C GLY C 277 13.10 -8.41 10.00
N ILE C 278 14.35 -8.33 10.46
CA ILE C 278 14.78 -8.69 11.82
C ILE C 278 13.81 -8.24 12.92
N ALA C 279 13.78 -8.95 14.05
CA ALA C 279 12.86 -8.59 15.12
C ALA C 279 13.47 -8.70 16.49
N LEU C 280 12.71 -8.32 17.50
CA LEU C 280 13.18 -8.42 18.87
C LEU C 280 12.30 -9.46 19.57
N PRO C 281 12.84 -10.12 20.60
CA PRO C 281 12.06 -11.13 21.33
C PRO C 281 10.75 -10.60 21.85
N ARG C 282 9.87 -11.53 22.21
CA ARG C 282 8.58 -11.20 22.77
C ARG C 282 8.84 -10.14 23.85
N LEU C 283 7.92 -9.22 24.05
CA LEU C 283 8.09 -8.18 25.06
C LEU C 283 6.74 -7.66 25.54
N ARG C 284 6.65 -7.32 26.80
CA ARG C 284 5.39 -6.82 27.33
C ARG C 284 5.52 -5.32 27.53
N ILE C 285 4.96 -4.54 26.62
CA ILE C 285 5.05 -3.08 26.74
C ILE C 285 4.40 -2.69 28.05
N ARG C 286 5.03 -1.75 28.76
CA ARG C 286 4.52 -1.31 30.06
C ARG C 286 4.68 0.19 30.28
N LYS C 287 3.75 0.76 31.04
CA LYS C 287 3.76 2.19 31.35
C LYS C 287 4.88 2.61 32.31
N VAL C 288 5.23 3.89 32.29
CA VAL C 288 6.26 4.43 33.18
C VAL C 288 6.00 5.91 33.43
N ASP C 289 6.16 6.33 34.68
CA ASP C 289 5.96 7.72 35.06
C ASP C 289 7.17 8.12 35.89
N LYS C 290 7.83 9.21 35.50
CA LYS C 290 9.01 9.65 36.22
C LYS C 290 9.87 8.46 36.58
N GLN C 291 10.62 7.96 35.59
CA GLN C 291 11.52 6.82 35.79
C GLN C 291 10.93 5.74 36.72
N GLN C 292 9.63 5.49 36.61
CA GLN C 292 8.98 4.48 37.43
C GLN C 292 7.93 3.69 36.64
N VAL C 293 8.21 2.40 36.45
CA VAL C 293 7.36 1.49 35.68
C VAL C 293 5.96 1.17 36.23
N ILE C 294 5.10 2.19 36.31
CA ILE C 294 3.71 2.04 36.77
C ILE C 294 3.02 0.78 36.24
N LEU C 295 2.72 -0.22 37.08
CA LEU C 295 2.07 -1.39 36.52
C LEU C 295 0.98 -2.15 37.30
N ASP C 296 -0.08 -1.47 37.71
CA ASP C 296 -1.16 -2.16 38.42
C ASP C 296 -2.13 -2.79 37.42
N ALA C 297 -3.23 -3.34 37.93
CA ALA C 297 -4.22 -4.00 37.07
C ALA C 297 -5.05 -3.03 36.24
N SER C 298 -5.27 -1.82 36.76
CA SER C 298 -6.06 -0.83 36.05
C SER C 298 -5.25 -0.12 34.96
N CYS C 299 -4.32 -0.85 34.35
CA CYS C 299 -3.49 -0.32 33.28
C CYS C 299 -3.79 -1.07 31.98
N SER C 300 -4.28 -2.30 32.12
CA SER C 300 -4.63 -3.11 30.97
C SER C 300 -5.95 -2.62 30.39
N GLU C 301 -6.38 -1.46 30.86
CA GLU C 301 -7.60 -0.81 30.40
C GLU C 301 -7.16 0.54 29.85
N GLU C 302 -5.85 0.65 29.63
CA GLU C 302 -5.25 1.87 29.10
C GLU C 302 -4.49 1.59 27.81
N PRO C 303 -4.93 2.21 26.71
CA PRO C 303 -4.25 2.00 25.44
C PRO C 303 -3.03 2.93 25.37
N VAL C 304 -1.92 2.41 24.85
CA VAL C 304 -0.68 3.15 24.75
C VAL C 304 -0.78 4.42 23.92
N SER C 305 -0.88 5.58 24.58
CA SER C 305 -0.99 6.85 23.86
C SER C 305 0.32 7.31 23.18
N GLN C 306 0.21 8.29 22.26
CA GLN C 306 1.38 8.78 21.54
C GLN C 306 2.34 9.59 22.38
N LEU C 307 3.63 9.43 22.08
CA LEU C 307 4.68 10.17 22.78
C LEU C 307 4.78 9.93 24.26
N HIS C 308 4.20 8.84 24.72
CA HIS C 308 4.25 8.52 26.14
C HIS C 308 5.51 7.70 26.31
N LYS C 309 5.93 7.50 27.56
CA LYS C 309 7.14 6.72 27.79
C LYS C 309 6.72 5.33 28.21
N CYS C 310 7.61 4.38 28.08
CA CYS C 310 7.24 3.02 28.46
C CYS C 310 8.45 2.13 28.24
N ALA C 311 8.37 0.91 28.73
CA ALA C 311 9.47 -0.02 28.55
C ALA C 311 8.90 -1.39 28.26
N PHE C 312 9.74 -2.28 27.74
CA PHE C 312 9.29 -3.62 27.42
C PHE C 312 9.97 -4.63 28.32
N GLN C 313 9.20 -5.23 29.22
CA GLN C 313 9.75 -6.22 30.14
C GLN C 313 9.71 -7.56 29.45
N MET C 314 10.76 -8.34 29.62
CA MET C 314 10.83 -9.66 29.03
C MET C 314 9.59 -10.46 29.40
N ILE C 315 9.39 -11.59 28.74
CA ILE C 315 8.22 -12.40 29.02
C ILE C 315 8.43 -13.31 30.24
N ASP C 316 9.65 -13.86 30.36
CA ASP C 316 10.01 -14.76 31.45
C ASP C 316 10.46 -14.12 32.76
N ASN C 317 11.48 -13.27 32.70
CA ASN C 317 12.01 -12.59 33.87
C ASN C 317 11.43 -11.19 34.06
N GLU C 318 10.13 -11.15 34.35
CA GLU C 318 9.35 -9.93 34.54
C GLU C 318 9.94 -8.90 35.50
N LEU C 319 11.25 -8.71 35.39
CA LEU C 319 12.02 -7.77 36.19
C LEU C 319 12.98 -7.08 35.22
N VAL C 320 13.21 -7.77 34.10
CA VAL C 320 14.08 -7.30 33.03
C VAL C 320 13.32 -6.36 32.10
N TYR C 321 14.01 -5.36 31.58
CA TYR C 321 13.39 -4.41 30.67
C TYR C 321 14.32 -4.15 29.49
N LEU C 322 13.76 -3.90 28.31
CA LEU C 322 14.60 -3.65 27.15
C LEU C 322 15.22 -2.28 27.36
N CYS C 323 16.55 -2.25 27.36
CA CYS C 323 17.26 -1.01 27.60
C CYS C 323 18.54 -0.88 26.78
N LEU C 324 19.03 0.35 26.76
CA LEU C 324 20.26 0.67 26.06
C LEU C 324 21.13 1.35 27.08
N SER C 325 22.37 0.89 27.19
CA SER C 325 23.33 1.49 28.12
C SER C 325 24.43 2.02 27.22
N HIS C 326 24.22 3.23 26.73
CA HIS C 326 25.15 3.89 25.83
C HIS C 326 25.16 3.22 24.46
N ASP C 327 24.64 3.96 23.49
CA ASP C 327 24.54 3.57 22.08
C ASP C 327 24.73 2.10 21.72
N LYS C 328 24.01 1.23 22.42
CA LYS C 328 24.00 -0.22 22.23
C LYS C 328 22.98 -0.82 23.19
N ILE C 329 22.03 -1.58 22.64
CA ILE C 329 20.97 -2.17 23.45
C ILE C 329 21.30 -3.49 24.11
N ILE C 330 20.69 -3.70 25.28
CA ILE C 330 20.89 -4.92 26.07
C ILE C 330 19.73 -5.08 27.07
N GLN C 331 19.66 -6.25 27.69
CA GLN C 331 18.65 -6.55 28.70
C GLN C 331 19.09 -5.88 30.00
N HIS C 332 18.27 -5.94 31.04
CA HIS C 332 18.65 -5.36 32.32
C HIS C 332 17.70 -5.70 33.46
N GLN C 333 18.30 -6.00 34.61
CA GLN C 333 17.55 -6.35 35.79
C GLN C 333 17.43 -5.10 36.65
N ALA C 334 16.32 -4.38 36.49
CA ALA C 334 16.12 -3.16 37.27
C ALA C 334 15.50 -3.49 38.63
N THR C 335 15.80 -2.64 39.61
CA THR C 335 15.31 -2.82 40.99
C THR C 335 13.80 -3.04 41.11
N ALA C 336 13.41 -3.61 42.24
CA ALA C 336 12.01 -3.88 42.57
C ALA C 336 11.69 -2.87 43.67
N ILE C 337 10.45 -2.38 43.72
CA ILE C 337 10.14 -1.40 44.75
C ILE C 337 8.88 -1.72 45.56
N ASN C 338 7.80 -2.06 44.88
CA ASN C 338 6.54 -2.40 45.54
C ASN C 338 6.04 -3.63 44.81
N GLU C 339 4.73 -3.70 44.63
CA GLU C 339 4.11 -4.82 43.91
C GLU C 339 3.37 -4.23 42.71
N HIS C 340 3.02 -2.96 42.83
CA HIS C 340 2.29 -2.24 41.80
C HIS C 340 3.16 -1.22 41.05
N ARG C 341 4.48 -1.32 41.22
CA ARG C 341 5.42 -0.44 40.55
C ARG C 341 6.80 -1.10 40.40
N HIS C 342 7.75 -0.38 39.82
CA HIS C 342 9.09 -0.90 39.60
C HIS C 342 10.04 0.25 39.27
N GLN C 343 11.28 0.16 39.73
CA GLN C 343 12.26 1.21 39.45
C GLN C 343 13.15 0.70 38.32
N ILE C 344 13.33 1.52 37.29
CA ILE C 344 14.17 1.12 36.16
C ILE C 344 15.32 2.08 35.95
N ASN C 345 16.23 1.70 35.06
CA ASN C 345 17.37 2.54 34.75
C ASN C 345 16.89 3.75 33.93
N ASP C 346 17.70 4.80 33.90
CA ASP C 346 17.35 5.98 33.13
C ASP C 346 17.02 5.54 31.71
N GLY C 347 18.06 5.26 30.93
CA GLY C 347 17.87 4.83 29.55
C GLY C 347 17.20 3.48 29.35
N ALA C 348 16.13 3.23 30.09
CA ALA C 348 15.39 1.97 29.99
C ALA C 348 13.92 2.25 29.65
N ALA C 349 13.53 3.52 29.75
CA ALA C 349 12.16 3.91 29.46
C ALA C 349 12.14 4.96 28.35
N TRP C 350 11.51 4.62 27.22
CA TRP C 350 11.42 5.52 26.09
C TRP C 350 10.03 5.96 25.65
N THR C 351 10.03 6.96 24.77
CA THR C 351 8.82 7.52 24.19
C THR C 351 8.53 6.79 22.89
N ILE C 352 7.32 6.24 22.79
CA ILE C 352 6.91 5.51 21.59
C ILE C 352 6.05 6.48 20.80
N ILE C 353 6.16 6.40 19.47
CA ILE C 353 5.38 7.26 18.59
C ILE C 353 5.19 6.63 17.20
N SER C 354 3.97 6.63 16.71
CA SER C 354 3.70 6.03 15.42
C SER C 354 4.38 6.78 14.30
N THR C 355 5.18 6.08 13.54
CA THR C 355 5.87 6.72 12.45
C THR C 355 5.44 6.00 11.18
N ASP C 356 5.52 6.69 10.04
CA ASP C 356 5.22 6.05 8.77
C ASP C 356 6.36 6.40 7.83
N LYS C 357 6.28 5.90 6.61
CA LYS C 357 7.31 6.17 5.64
C LYS C 357 6.76 5.99 4.25
N ALA C 358 7.55 6.40 3.27
CA ALA C 358 7.19 6.27 1.89
C ALA C 358 8.50 5.93 1.18
N GLU C 359 8.42 5.19 0.09
CA GLU C 359 9.61 4.80 -0.62
C GLU C 359 9.34 4.96 -2.11
N TYR C 360 10.20 5.70 -2.79
CA TYR C 360 9.99 5.89 -4.21
C TYR C 360 11.11 5.27 -5.01
N ARG C 361 10.68 4.39 -5.92
CA ARG C 361 11.57 3.65 -6.80
C ARG C 361 11.32 4.14 -8.21
N PHE C 362 12.38 4.58 -8.88
CA PHE C 362 12.26 5.01 -10.28
C PHE C 362 13.60 4.99 -11.02
N PHE C 363 13.52 4.78 -12.33
CA PHE C 363 14.70 4.76 -13.17
C PHE C 363 14.40 5.28 -14.58
N GLU C 364 15.33 6.09 -15.09
CA GLU C 364 15.24 6.72 -16.40
C GLU C 364 15.58 5.72 -17.49
N ALA C 365 14.56 5.15 -18.12
CA ALA C 365 14.79 4.18 -19.18
C ALA C 365 15.74 4.72 -20.25
N MET C 366 15.48 5.94 -20.72
CA MET C 366 16.31 6.58 -21.74
C MET C 366 16.76 7.99 -21.37
N GLY C 367 17.94 8.11 -20.75
CA GLY C 367 18.46 9.43 -20.36
C GLY C 367 17.45 10.29 -19.63
N GLN C 368 17.92 11.16 -18.75
CA GLN C 368 16.96 11.99 -18.02
C GLN C 368 15.92 12.56 -18.96
N VAL C 369 14.69 12.67 -18.46
CA VAL C 369 13.59 13.22 -19.25
C VAL C 369 13.52 14.74 -19.04
N ALA C 370 12.90 15.43 -20.00
CA ALA C 370 12.76 16.88 -19.94
C ALA C 370 12.05 17.26 -18.65
N ASN C 371 10.84 16.72 -18.47
CA ASN C 371 10.05 16.99 -17.29
C ASN C 371 10.60 16.30 -16.04
N PRO C 372 9.92 16.47 -14.91
CA PRO C 372 10.41 15.82 -13.70
C PRO C 372 9.56 14.57 -13.51
N ILE C 373 9.66 13.95 -12.34
CA ILE C 373 8.89 12.76 -12.04
C ILE C 373 7.66 13.11 -11.17
N SER C 374 7.88 13.95 -10.16
CA SER C 374 6.84 14.38 -9.24
C SER C 374 5.68 13.40 -9.05
N PRO C 375 4.65 13.42 -9.94
CA PRO C 375 3.62 12.43 -9.63
C PRO C 375 4.19 11.04 -9.81
N CYS C 376 4.68 10.48 -8.70
CA CYS C 376 5.28 9.15 -8.66
C CYS C 376 4.32 8.12 -8.08
N PRO C 377 3.92 7.14 -8.90
CA PRO C 377 2.99 6.05 -8.58
C PRO C 377 3.51 5.06 -7.55
N VAL C 378 2.62 4.68 -6.64
CA VAL C 378 2.97 3.76 -5.58
C VAL C 378 1.95 2.64 -5.55
N VAL C 379 2.37 1.49 -6.08
CA VAL C 379 1.55 0.29 -6.17
C VAL C 379 1.37 -0.42 -4.84
N GLY C 380 0.12 -0.60 -4.44
CA GLY C 380 -0.15 -1.23 -3.16
C GLY C 380 -0.30 -2.73 -3.21
N SER C 381 -1.38 -3.19 -3.84
CA SER C 381 -1.63 -4.61 -3.94
C SER C 381 -2.07 -4.92 -5.36
N LEU C 382 -1.83 -6.16 -5.78
CA LEU C 382 -2.20 -6.62 -7.12
C LEU C 382 -3.22 -7.75 -7.05
N GLU C 383 -4.39 -7.55 -7.66
CA GLU C 383 -5.44 -8.56 -7.67
C GLU C 383 -5.75 -9.11 -9.06
N VAL C 384 -6.45 -10.24 -9.12
CA VAL C 384 -6.80 -10.83 -10.42
C VAL C 384 -8.11 -11.57 -10.33
N ASP C 385 -8.94 -11.42 -11.36
CA ASP C 385 -10.25 -12.06 -11.38
C ASP C 385 -10.70 -12.43 -12.79
N GLY C 386 -11.44 -13.54 -12.88
CA GLY C 386 -11.91 -14.00 -14.16
C GLY C 386 -11.11 -15.21 -14.61
N HIS C 387 -11.48 -15.77 -15.77
CA HIS C 387 -10.75 -16.94 -16.26
C HIS C 387 -10.13 -16.80 -17.67
N GLY C 388 -8.88 -17.22 -17.79
CA GLY C 388 -8.14 -17.18 -19.04
C GLY C 388 -8.41 -16.07 -20.07
N GLU C 389 -9.54 -16.17 -20.76
CA GLU C 389 -9.92 -15.19 -21.77
C GLU C 389 -10.59 -13.99 -21.13
N ALA C 390 -11.01 -14.16 -19.88
CA ALA C 390 -11.66 -13.09 -19.14
C ALA C 390 -10.77 -12.61 -17.98
N SER C 391 -9.52 -13.07 -17.99
CA SER C 391 -8.56 -12.70 -16.96
C SER C 391 -8.42 -11.19 -16.91
N ARG C 392 -8.14 -10.67 -15.72
CA ARG C 392 -7.94 -9.24 -15.50
C ARG C 392 -7.12 -9.03 -14.24
N VAL C 393 -6.16 -8.11 -14.32
CA VAL C 393 -5.31 -7.77 -13.19
C VAL C 393 -5.70 -6.40 -12.64
N GLU C 394 -5.97 -6.33 -11.34
CA GLU C 394 -6.29 -5.07 -10.67
C GLU C 394 -5.06 -4.63 -9.87
N LEU C 395 -4.64 -3.39 -10.03
CA LEU C 395 -3.53 -2.88 -9.24
C LEU C 395 -4.17 -1.85 -8.36
N HIS C 396 -3.60 -1.62 -7.20
CA HIS C 396 -4.11 -0.64 -6.29
C HIS C 396 -2.93 0.21 -5.85
N GLY C 397 -3.15 1.49 -5.63
CA GLY C 397 -2.07 2.35 -5.19
C GLY C 397 -2.50 3.80 -5.14
N ARG C 398 -1.52 4.69 -5.07
CA ARG C 398 -1.81 6.12 -5.02
C ARG C 398 -1.08 6.79 -6.17
N ASP C 399 -1.46 8.03 -6.48
CA ASP C 399 -0.83 8.80 -7.55
C ASP C 399 -0.68 8.05 -8.87
N PHE C 400 -1.79 7.55 -9.39
CA PHE C 400 -1.78 6.83 -10.64
C PHE C 400 -2.14 7.78 -11.78
N LYS C 401 -1.21 8.04 -12.68
CA LYS C 401 -1.51 8.93 -13.80
C LYS C 401 -1.80 8.13 -15.07
N PRO C 402 -2.88 8.45 -15.77
CA PRO C 402 -3.26 7.76 -17.00
C PRO C 402 -2.10 7.60 -17.99
N ASN C 403 -1.04 8.38 -17.82
CA ASN C 403 0.11 8.27 -18.71
C ASN C 403 1.00 7.08 -18.32
N LEU C 404 0.42 6.05 -17.72
CA LEU C 404 1.20 4.88 -17.30
C LEU C 404 0.74 3.60 -17.97
N LYS C 405 1.72 2.78 -18.36
CA LYS C 405 1.44 1.51 -19.03
C LYS C 405 2.06 0.40 -18.19
N VAL C 406 1.26 -0.59 -17.77
CA VAL C 406 1.82 -1.68 -16.95
C VAL C 406 2.59 -2.71 -17.75
N TRP C 407 3.72 -3.15 -17.23
CA TRP C 407 4.54 -4.11 -17.96
C TRP C 407 4.81 -5.40 -17.24
N PHE C 408 4.24 -6.50 -17.71
CA PHE C 408 4.51 -7.79 -17.10
C PHE C 408 5.93 -8.05 -17.57
N GLY C 409 6.90 -7.85 -16.68
CA GLY C 409 8.28 -8.05 -17.07
C GLY C 409 8.54 -7.18 -18.28
N ALA C 410 8.84 -7.81 -19.42
CA ALA C 410 9.11 -7.08 -20.65
C ALA C 410 7.93 -7.13 -21.63
N THR C 411 6.72 -7.09 -21.11
CA THR C 411 5.56 -7.22 -21.96
C THR C 411 4.45 -6.25 -21.60
N PRO C 412 4.45 -5.07 -22.23
CA PRO C 412 3.46 -3.99 -22.02
C PRO C 412 2.05 -4.43 -22.39
N VAL C 413 1.05 -3.95 -21.65
CA VAL C 413 -0.37 -4.29 -21.84
C VAL C 413 -1.30 -3.10 -22.02
N GLU C 414 -2.45 -3.32 -22.65
CA GLU C 414 -3.43 -2.26 -22.86
C GLU C 414 -4.06 -1.78 -21.54
N THR C 415 -3.25 -1.10 -20.73
CA THR C 415 -3.64 -0.56 -19.40
C THR C 415 -4.90 0.29 -19.40
N THR C 416 -5.67 0.20 -18.31
CA THR C 416 -6.91 0.97 -18.19
C THR C 416 -6.96 1.82 -16.93
N PHE C 417 -6.85 3.12 -17.07
CA PHE C 417 -6.90 3.98 -15.89
C PHE C 417 -8.35 4.20 -15.50
N ARG C 418 -8.68 3.92 -14.25
CA ARG C 418 -10.03 4.16 -13.81
C ARG C 418 -9.92 5.34 -12.85
N SER C 419 -9.41 5.06 -11.65
CA SER C 419 -9.21 6.11 -10.63
C SER C 419 -7.71 6.31 -10.56
N GLU C 420 -7.23 7.30 -9.83
CA GLU C 420 -5.78 7.44 -9.77
C GLU C 420 -5.30 6.50 -8.69
N GLU C 421 -6.21 5.61 -8.29
CA GLU C 421 -5.98 4.58 -7.27
C GLU C 421 -6.11 3.17 -7.83
N SER C 422 -6.34 3.02 -9.13
CA SER C 422 -6.47 1.68 -9.71
C SER C 422 -6.37 1.54 -11.23
N LEU C 423 -5.74 0.46 -11.67
CA LEU C 423 -5.56 0.17 -13.08
C LEU C 423 -5.87 -1.28 -13.36
N HIS C 424 -6.71 -1.55 -14.36
CA HIS C 424 -7.01 -2.92 -14.75
C HIS C 424 -6.18 -3.26 -15.99
N CYS C 425 -5.87 -4.53 -16.19
CA CYS C 425 -5.09 -4.88 -17.36
C CYS C 425 -5.15 -6.38 -17.61
N SER C 426 -5.27 -6.74 -18.88
CA SER C 426 -5.41 -8.14 -19.32
C SER C 426 -4.11 -8.92 -19.38
N ILE C 427 -4.05 -10.05 -18.67
CA ILE C 427 -2.85 -10.88 -18.65
C ILE C 427 -2.43 -11.29 -20.05
N PRO C 428 -1.19 -10.97 -20.44
CA PRO C 428 -0.67 -11.31 -21.76
C PRO C 428 -0.43 -12.83 -21.84
N PRO C 429 -0.54 -13.40 -23.04
CA PRO C 429 -0.34 -14.84 -23.26
C PRO C 429 1.10 -15.25 -22.96
N VAL C 430 1.25 -16.19 -22.02
CA VAL C 430 2.57 -16.69 -21.62
C VAL C 430 3.62 -16.74 -22.74
N SER C 431 3.25 -17.39 -23.84
CA SER C 431 4.14 -17.53 -24.99
C SER C 431 4.90 -16.25 -25.30
N GLN C 432 4.19 -15.13 -25.30
CA GLN C 432 4.80 -13.85 -25.61
C GLN C 432 5.44 -13.06 -24.46
N VAL C 433 5.99 -13.74 -23.46
CA VAL C 433 6.65 -13.03 -22.36
C VAL C 433 8.14 -13.30 -22.32
N ARG C 434 8.51 -14.58 -22.22
CA ARG C 434 9.92 -14.92 -22.16
C ARG C 434 10.45 -15.73 -23.36
N ASN C 435 11.66 -15.37 -23.81
CA ASN C 435 12.35 -16.02 -24.94
C ASN C 435 13.67 -16.67 -24.51
N GLU C 436 14.39 -17.24 -25.49
CA GLU C 436 15.68 -17.91 -25.27
C GLU C 436 16.67 -17.06 -24.48
N GLN C 437 16.39 -15.76 -24.42
CA GLN C 437 17.24 -14.79 -23.72
C GLN C 437 16.65 -14.45 -22.35
N THR C 438 15.36 -14.16 -22.31
CA THR C 438 14.68 -13.81 -21.06
C THR C 438 14.30 -15.02 -20.23
N HIS C 439 14.64 -16.21 -20.71
CA HIS C 439 14.33 -17.43 -19.99
C HIS C 439 14.75 -17.40 -18.52
N TRP C 440 16.05 -17.41 -18.26
CA TRP C 440 16.56 -17.39 -16.89
C TRP C 440 16.48 -16.01 -16.24
N MET C 441 15.34 -15.73 -15.60
CA MET C 441 15.10 -14.46 -14.92
C MET C 441 13.60 -14.31 -14.77
N PHE C 442 12.89 -14.74 -15.79
CA PHE C 442 11.44 -14.69 -15.80
C PHE C 442 10.96 -16.11 -15.45
N THR C 443 11.88 -17.07 -15.51
CA THR C 443 11.59 -18.47 -15.22
C THR C 443 11.94 -18.83 -13.78
N ASN C 444 10.92 -18.86 -12.92
CA ASN C 444 11.09 -19.19 -11.51
C ASN C 444 12.06 -20.37 -11.38
N ARG C 445 13.22 -20.10 -10.78
CA ARG C 445 14.26 -21.09 -10.57
C ARG C 445 13.82 -22.16 -9.58
N THR C 446 12.78 -21.86 -8.81
CA THR C 446 12.25 -22.79 -7.81
C THR C 446 11.16 -23.69 -8.42
N THR C 447 9.92 -23.21 -8.36
CA THR C 447 8.77 -23.95 -8.87
C THR C 447 8.67 -23.91 -10.39
N GLY C 448 9.82 -23.83 -11.06
CA GLY C 448 9.86 -23.79 -12.52
C GLY C 448 8.70 -23.08 -13.20
N ASP C 449 8.01 -22.21 -12.46
CA ASP C 449 6.88 -21.46 -13.01
C ASP C 449 7.40 -20.20 -13.67
N VAL C 450 6.49 -19.34 -14.07
CA VAL C 450 6.92 -18.12 -14.72
C VAL C 450 6.32 -16.91 -14.03
N GLU C 451 7.14 -16.31 -13.16
CA GLU C 451 6.74 -15.13 -12.42
C GLU C 451 7.55 -13.95 -12.97
N VAL C 452 6.86 -12.95 -13.50
CA VAL C 452 7.54 -11.77 -14.03
C VAL C 452 7.25 -10.57 -13.16
N PRO C 453 8.22 -9.64 -13.08
CA PRO C 453 8.09 -8.42 -12.29
C PRO C 453 7.20 -7.35 -12.94
N ILE C 454 6.12 -6.99 -12.26
CA ILE C 454 5.18 -5.99 -12.75
C ILE C 454 5.80 -4.60 -12.69
N SER C 455 5.37 -3.71 -13.58
CA SER C 455 5.91 -2.35 -13.61
C SER C 455 4.91 -1.35 -14.15
N LEU C 456 5.02 -0.12 -13.71
CA LEU C 456 4.16 0.92 -14.22
C LEU C 456 5.10 1.80 -15.03
N VAL C 457 4.79 2.02 -16.29
CA VAL C 457 5.66 2.83 -17.13
C VAL C 457 5.07 4.12 -17.70
N ARG C 458 5.91 5.15 -17.62
CA ARG C 458 5.59 6.50 -18.10
C ARG C 458 5.82 6.55 -19.58
N ASP C 459 4.82 7.01 -20.32
CA ASP C 459 4.93 7.10 -21.76
C ASP C 459 6.00 8.12 -22.11
N ASP C 460 7.15 7.99 -21.46
CA ASP C 460 8.27 8.88 -21.65
C ASP C 460 9.53 8.16 -21.18
N GLY C 461 9.50 6.84 -21.29
CA GLY C 461 10.65 6.02 -20.93
C GLY C 461 11.12 5.98 -19.50
N VAL C 462 10.22 5.73 -18.56
CA VAL C 462 10.63 5.66 -17.17
C VAL C 462 9.88 4.57 -16.44
N VAL C 463 10.65 3.73 -15.75
CA VAL C 463 10.09 2.60 -15.03
C VAL C 463 9.87 2.88 -13.56
N TYR C 464 8.69 2.48 -13.11
CA TYR C 464 8.30 2.61 -11.73
C TYR C 464 8.00 1.18 -11.24
N SER C 465 9.04 0.52 -10.74
CA SER C 465 8.98 -0.85 -10.25
C SER C 465 8.07 -1.08 -9.06
N SER C 466 6.99 -1.84 -9.29
CA SER C 466 6.02 -2.16 -8.24
C SER C 466 6.56 -3.12 -7.18
N GLY C 467 7.58 -3.89 -7.53
CA GLY C 467 8.13 -4.82 -6.56
C GLY C 467 7.27 -6.05 -6.42
N LEU C 468 6.09 -6.00 -7.03
CA LEU C 468 5.19 -7.14 -7.00
C LEU C 468 5.61 -8.06 -8.12
N THR C 469 4.94 -9.19 -8.29
CA THR C 469 5.34 -10.14 -9.33
C THR C 469 4.17 -10.99 -9.80
N PHE C 470 4.03 -11.15 -11.11
CA PHE C 470 2.97 -12.00 -11.64
C PHE C 470 3.54 -13.37 -11.94
N SER C 471 2.84 -14.40 -11.47
CA SER C 471 3.30 -15.76 -11.71
C SER C 471 2.35 -16.50 -12.64
N TYR C 472 2.88 -17.53 -13.29
CA TYR C 472 2.11 -18.37 -14.19
C TYR C 472 2.29 -19.81 -13.71
N LYS C 473 1.19 -20.43 -13.31
CA LYS C 473 1.24 -21.79 -12.84
C LYS C 473 1.57 -22.68 -14.03
N SER C 474 2.78 -23.24 -14.02
CA SER C 474 3.25 -24.10 -15.10
C SER C 474 3.51 -25.51 -14.54
N LEU C 475 3.00 -26.52 -15.24
CA LEU C 475 3.13 -27.91 -14.81
C LEU C 475 4.14 -28.77 -15.58
N GLU C 476 5.34 -28.23 -15.80
CA GLU C 476 6.38 -28.97 -16.53
C GLU C 476 7.48 -29.57 -15.66
N ARG C 477 8.54 -30.03 -16.34
CA ARG C 477 9.68 -30.64 -15.70
C ARG C 477 9.27 -31.96 -15.04
N GLU D 5 -31.35 -28.38 -9.00
CA GLU D 5 -30.14 -27.63 -9.42
C GLU D 5 -29.87 -27.77 -10.92
N ASP D 6 -28.59 -27.86 -11.29
CA ASP D 6 -28.21 -28.00 -12.70
C ASP D 6 -28.59 -26.79 -13.56
N GLU D 7 -27.98 -25.65 -13.28
CA GLU D 7 -28.23 -24.44 -14.05
C GLU D 7 -26.90 -23.76 -14.39
N PRO D 8 -26.80 -23.15 -15.60
CA PRO D 8 -25.71 -22.44 -16.26
C PRO D 8 -24.33 -23.06 -16.28
N THR D 9 -23.48 -22.49 -17.12
CA THR D 9 -22.11 -22.98 -17.29
C THR D 9 -21.14 -21.83 -17.61
N ILE D 10 -21.67 -20.69 -18.02
CA ILE D 10 -20.86 -19.53 -18.35
C ILE D 10 -21.23 -18.40 -17.41
N GLY D 11 -22.12 -17.53 -17.87
CA GLY D 11 -22.55 -16.38 -17.09
C GLY D 11 -22.53 -15.24 -18.08
N ASP D 12 -23.56 -14.40 -18.07
CA ASP D 12 -23.64 -13.30 -19.01
C ASP D 12 -22.29 -12.63 -19.32
N LEU D 13 -21.49 -13.25 -20.20
CA LEU D 13 -20.17 -12.70 -20.56
C LEU D 13 -20.28 -11.40 -21.33
N ASN D 14 -21.50 -10.95 -21.58
CA ASN D 14 -21.70 -9.73 -22.33
C ASN D 14 -22.00 -8.53 -21.45
N ALA D 15 -22.03 -8.78 -20.15
CA ALA D 15 -22.23 -7.71 -19.18
C ALA D 15 -20.78 -7.32 -18.94
N PHE D 16 -20.02 -8.32 -18.48
CA PHE D 16 -18.60 -8.19 -18.19
C PHE D 16 -17.93 -7.41 -19.33
N HIS D 17 -18.29 -7.74 -20.56
CA HIS D 17 -17.72 -7.06 -21.72
C HIS D 17 -18.29 -5.67 -21.93
N SER D 18 -19.62 -5.57 -21.96
CA SER D 18 -20.27 -4.27 -22.15
C SER D 18 -19.69 -3.35 -21.08
N GLY D 19 -19.15 -3.98 -20.03
CA GLY D 19 -18.54 -3.25 -18.94
C GLY D 19 -17.11 -2.89 -19.27
N GLU D 20 -16.28 -3.89 -19.51
CA GLU D 20 -14.89 -3.61 -19.85
C GLU D 20 -14.88 -2.61 -20.99
N GLU D 21 -16.06 -2.36 -21.55
CA GLU D 21 -16.21 -1.38 -22.61
C GLU D 21 -16.25 -0.04 -21.91
N LEU D 22 -17.37 0.26 -21.27
CA LEU D 22 -17.55 1.50 -20.54
C LEU D 22 -16.26 1.97 -19.86
N HIS D 23 -15.53 1.02 -19.25
CA HIS D 23 -14.29 1.35 -18.56
C HIS D 23 -13.20 1.78 -19.51
N ARG D 24 -12.94 0.97 -20.54
CA ARG D 24 -11.92 1.34 -21.52
C ARG D 24 -12.38 2.69 -22.06
N GLN D 25 -13.69 2.90 -22.04
CA GLN D 25 -14.28 4.14 -22.53
C GLN D 25 -13.81 5.37 -21.78
N ARG D 26 -13.87 5.34 -20.46
CA ARG D 26 -13.44 6.50 -19.68
C ARG D 26 -11.92 6.58 -19.62
N SER D 27 -11.25 5.45 -19.76
CA SER D 27 -9.80 5.44 -19.72
C SER D 27 -9.25 6.28 -20.86
N GLU D 28 -9.86 6.16 -22.03
CA GLU D 28 -9.42 6.91 -23.20
C GLU D 28 -9.79 8.39 -23.04
N LEU D 29 -11.01 8.63 -22.61
CA LEU D 29 -11.50 9.98 -22.39
C LEU D 29 -10.62 10.69 -21.37
N ALA D 30 -10.28 9.97 -20.31
CA ALA D 30 -9.46 10.50 -19.24
C ALA D 30 -7.98 10.57 -19.60
N ARG D 31 -7.59 9.83 -20.64
CA ARG D 31 -6.20 9.86 -21.08
C ARG D 31 -6.06 11.20 -21.80
N ALA D 32 -7.17 11.67 -22.33
CA ALA D 32 -7.22 12.94 -23.05
C ALA D 32 -7.03 14.06 -22.04
N ASN D 33 -8.02 14.20 -21.16
CA ASN D 33 -8.01 15.22 -20.12
C ASN D 33 -6.63 15.45 -19.52
N TYR D 34 -5.94 14.37 -19.15
CA TYR D 34 -4.61 14.53 -18.57
C TYR D 34 -3.62 15.05 -19.61
N GLU D 35 -3.78 14.63 -20.86
CA GLU D 35 -2.88 15.08 -21.91
C GLU D 35 -3.17 16.53 -22.27
N LYS D 36 -4.29 17.04 -21.76
CA LYS D 36 -4.71 18.42 -21.99
C LYS D 36 -3.90 19.39 -21.11
N ALA D 37 -4.25 19.46 -19.83
CA ALA D 37 -3.55 20.35 -18.93
C ALA D 37 -2.16 19.83 -18.60
N ARG D 38 -1.72 18.82 -19.34
CA ARG D 38 -0.40 18.23 -19.10
C ARG D 38 0.69 19.30 -19.01
N PRO D 39 0.77 20.20 -20.01
CA PRO D 39 1.79 21.24 -19.95
C PRO D 39 1.51 22.23 -18.82
N GLU D 40 0.23 22.54 -18.60
CA GLU D 40 -0.14 23.46 -17.54
C GLU D 40 0.39 22.87 -16.25
N MET D 41 0.34 21.55 -16.18
CA MET D 41 0.81 20.84 -15.01
C MET D 41 2.30 21.05 -14.89
N ILE D 42 3.06 20.52 -15.84
CA ILE D 42 4.51 20.65 -15.83
C ILE D 42 4.95 22.11 -15.69
N ALA D 43 4.03 23.04 -15.94
CA ALA D 43 4.36 24.45 -15.82
C ALA D 43 4.41 24.80 -14.33
N ASN D 44 3.24 24.72 -13.68
CA ASN D 44 3.12 25.02 -12.26
C ASN D 44 4.25 24.36 -11.48
N GLN D 45 4.83 23.32 -12.06
CA GLN D 45 5.92 22.60 -11.45
C GLN D 45 7.22 23.20 -11.94
N ARG D 46 7.39 23.24 -13.25
CA ARG D 46 8.58 23.78 -13.89
C ARG D 46 9.08 25.04 -13.19
N ALA D 47 8.14 25.87 -12.76
CA ALA D 47 8.44 27.13 -12.08
C ALA D 47 8.70 27.02 -10.58
N VAL D 48 7.72 26.52 -9.84
CA VAL D 48 7.86 26.39 -8.40
C VAL D 48 9.04 25.48 -8.04
N THR D 49 9.40 24.59 -8.97
CA THR D 49 10.51 23.67 -8.75
C THR D 49 11.85 24.35 -8.98
N ALA D 50 11.82 25.54 -9.58
CA ALA D 50 13.04 26.31 -9.85
C ALA D 50 13.05 27.56 -8.98
N HIS D 51 11.86 27.93 -8.51
CA HIS D 51 11.74 29.08 -7.63
C HIS D 51 12.68 28.78 -6.45
N LEU D 52 12.91 27.50 -6.19
CA LEU D 52 13.79 27.05 -5.11
C LEU D 52 15.24 27.14 -5.55
N PHE D 53 15.49 26.92 -6.83
CA PHE D 53 16.83 26.98 -7.39
C PHE D 53 17.47 28.36 -7.25
N ASN D 54 16.84 29.39 -7.81
CA ASN D 54 17.39 30.75 -7.71
C ASN D 54 17.39 31.18 -6.25
N ARG D 55 16.63 30.46 -5.43
CA ARG D 55 16.48 30.71 -3.99
C ARG D 55 17.69 30.01 -3.35
N TYR D 56 18.16 28.99 -4.03
CA TYR D 56 19.30 28.22 -3.58
C TYR D 56 20.55 29.03 -3.83
N THR D 57 20.78 29.33 -5.10
CA THR D 57 21.95 30.08 -5.54
C THR D 57 22.26 31.37 -4.77
N GLU D 58 21.24 32.22 -4.58
CA GLU D 58 21.46 33.47 -3.87
C GLU D 58 21.73 33.24 -2.37
N ASP D 59 21.25 32.11 -1.86
CA ASP D 59 21.48 31.74 -0.47
C ASP D 59 22.70 30.83 -0.48
N GLU D 60 23.22 30.62 -1.69
CA GLU D 60 24.41 29.80 -1.92
C GLU D 60 25.50 30.76 -2.38
N GLU D 61 25.08 31.97 -2.77
CA GLU D 61 26.00 33.01 -3.22
C GLU D 61 26.74 33.50 -1.98
N ARG D 62 26.02 33.49 -0.86
CA ARG D 62 26.56 33.91 0.43
C ARG D 62 27.86 33.18 0.74
N LYS D 63 27.86 31.84 0.60
CA LYS D 63 29.06 31.06 0.87
C LYS D 63 30.22 31.60 0.02
N ARG D 64 29.87 32.29 -1.06
CA ARG D 64 30.87 32.86 -1.97
C ARG D 64 31.28 34.28 -1.58
N VAL D 65 30.31 35.11 -1.19
CA VAL D 65 30.62 36.48 -0.80
C VAL D 65 31.47 36.56 0.46
N GLU D 66 31.16 35.70 1.44
CA GLU D 66 31.89 35.69 2.70
C GLU D 66 33.06 34.71 2.74
N GLN D 67 34.22 35.18 2.26
CA GLN D 67 35.44 34.38 2.23
C GLN D 67 36.65 35.31 2.12
N ARG E 5 -9.41 -19.50 12.85
CA ARG E 5 -8.85 -18.59 11.81
C ARG E 5 -9.87 -17.58 11.26
N THR E 6 -9.48 -16.31 11.30
CA THR E 6 -10.28 -15.21 10.81
C THR E 6 -9.31 -14.18 10.25
N ARG E 7 -9.85 -13.09 9.71
CA ARG E 7 -9.02 -12.04 9.14
C ARG E 7 -8.25 -11.32 10.25
N LYS E 8 -8.91 -11.12 11.40
CA LYS E 8 -8.32 -10.44 12.53
C LYS E 8 -6.92 -10.89 12.96
N ARG E 9 -6.61 -12.19 12.86
CA ARG E 9 -5.27 -12.66 13.23
C ARG E 9 -4.55 -13.29 12.06
N ARG E 10 -3.27 -12.94 11.88
CA ARG E 10 -2.49 -13.43 10.75
C ARG E 10 -1.26 -14.19 11.23
N MSE E 11 -0.43 -14.62 10.28
CA MSE E 11 0.78 -15.36 10.58
C MSE E 11 2.01 -14.61 10.14
O MSE E 11 2.32 -14.61 8.96
CB MSE E 11 0.76 -16.73 9.89
CG MSE E 11 0.12 -17.85 10.69
SE MSE E 11 1.09 -18.20 12.32
CE MSE E 11 2.89 -18.22 11.60
N ILE E 12 2.72 -14.00 11.09
CA ILE E 12 3.91 -13.23 10.76
C ILE E 12 5.23 -13.92 11.09
N ASN E 13 5.97 -14.30 10.05
CA ASN E 13 7.27 -14.94 10.24
C ASN E 13 8.38 -13.90 10.05
N ALA E 14 9.39 -13.97 10.91
CA ALA E 14 10.51 -13.04 10.86
C ALA E 14 11.68 -13.53 11.70
N SER E 15 12.88 -13.08 11.35
CA SER E 15 14.09 -13.45 12.07
C SER E 15 14.00 -13.05 13.55
N VAL E 16 15.14 -12.90 14.21
CA VAL E 16 15.18 -12.51 15.61
C VAL E 16 16.60 -12.16 16.08
N TRP E 17 16.70 -11.59 17.27
CA TRP E 17 17.99 -11.19 17.80
C TRP E 17 17.85 -11.02 19.31
N MSE E 18 18.80 -11.56 20.06
CA MSE E 18 18.77 -11.49 21.51
C MSE E 18 19.89 -10.62 22.09
O MSE E 18 21.06 -10.79 21.77
CB MSE E 18 18.85 -12.90 22.11
CG MSE E 18 18.51 -12.98 23.59
SE MSE E 18 16.64 -12.66 23.94
CE MSE E 18 15.92 -14.26 23.14
N PRO E 19 19.52 -9.69 22.97
CA PRO E 19 20.39 -8.74 23.67
C PRO E 19 21.08 -9.28 24.92
N PRO E 20 22.42 -9.23 24.97
CA PRO E 20 23.15 -9.73 26.15
C PRO E 20 22.76 -9.02 27.45
N MSE E 21 23.66 -8.99 28.43
CA MSE E 21 23.38 -8.33 29.71
C MSE E 21 24.59 -7.59 30.31
O MSE E 21 24.41 -6.61 31.04
CB MSE E 21 22.83 -9.36 30.70
CG MSE E 21 21.51 -9.98 30.25
SE MSE E 21 20.84 -11.38 31.39
CE MSE E 21 20.00 -10.29 32.75
N GLU E 22 25.79 -8.07 30.02
CA GLU E 22 27.03 -7.45 30.54
C GLU E 22 28.27 -7.83 29.72
N ASN E 23 29.33 -7.01 29.84
CA ASN E 23 30.59 -7.22 29.12
C ASN E 23 31.74 -7.68 30.02
N GLU E 24 32.40 -8.78 29.60
CA GLU E 24 33.53 -9.33 30.33
C GLU E 24 34.80 -9.30 29.50
N GLU E 93 11.07 -35.21 -9.20
CA GLU E 93 10.51 -36.38 -9.87
C GLU E 93 9.17 -36.78 -9.27
N SER E 94 8.09 -36.23 -9.83
CA SER E 94 6.74 -36.54 -9.36
C SER E 94 5.60 -36.26 -10.36
N PRO E 95 5.60 -35.08 -11.02
CA PRO E 95 4.55 -34.71 -11.98
C PRO E 95 3.33 -35.65 -12.02
N ILE E 96 2.43 -35.44 -11.07
CA ILE E 96 1.21 -36.24 -10.92
C ILE E 96 0.39 -36.43 -12.18
N LYS E 97 0.52 -37.62 -12.78
CA LYS E 97 -0.19 -37.95 -14.02
C LYS E 97 -1.69 -37.65 -13.94
N LEU E 98 -2.31 -38.00 -12.82
CA LEU E 98 -3.72 -37.73 -12.67
C LEU E 98 -3.95 -36.24 -12.90
N HIS E 99 -3.24 -35.43 -12.11
CA HIS E 99 -3.34 -33.98 -12.17
C HIS E 99 -3.16 -33.45 -13.57
N THR E 100 -1.98 -33.67 -14.15
CA THR E 100 -1.74 -33.17 -15.50
C THR E 100 -2.97 -33.48 -16.36
N GLU E 101 -3.45 -34.72 -16.28
CA GLU E 101 -4.63 -35.10 -17.05
C GLU E 101 -5.72 -34.10 -16.71
N ALA E 102 -6.27 -34.25 -15.51
CA ALA E 102 -7.32 -33.36 -15.02
C ALA E 102 -7.07 -31.95 -15.53
N ALA E 103 -5.81 -31.52 -15.45
CA ALA E 103 -5.43 -30.21 -15.91
C ALA E 103 -5.64 -30.19 -17.41
N GLY E 104 -4.77 -30.92 -18.11
CA GLY E 104 -4.80 -31.02 -19.57
C GLY E 104 -6.00 -30.49 -20.32
N SER E 105 -6.89 -31.39 -20.73
CA SER E 105 -8.08 -30.99 -21.48
C SER E 105 -9.25 -31.97 -21.38
N TYR E 106 -9.03 -33.19 -21.86
CA TYR E 106 -10.05 -34.24 -21.89
C TYR E 106 -9.76 -35.52 -21.09
N ALA E 107 -8.69 -36.19 -21.49
CA ALA E 107 -8.26 -37.45 -20.89
C ALA E 107 -8.54 -37.63 -19.40
N ILE E 108 -9.50 -38.49 -19.10
CA ILE E 108 -9.87 -38.80 -17.72
C ILE E 108 -9.35 -40.22 -17.48
N THR E 109 -8.41 -40.39 -16.57
CA THR E 109 -7.90 -41.71 -16.35
C THR E 109 -7.38 -41.82 -14.94
N GLU E 110 -6.62 -42.87 -14.69
CA GLU E 110 -6.05 -43.11 -13.36
C GLU E 110 -7.15 -43.35 -12.35
N PRO E 111 -6.78 -43.93 -11.21
CA PRO E 111 -7.85 -44.15 -10.22
C PRO E 111 -8.30 -42.83 -9.59
N ILE E 112 -9.61 -42.69 -9.42
CA ILE E 112 -10.19 -41.52 -8.80
C ILE E 112 -10.77 -42.03 -7.50
N THR E 113 -9.90 -42.25 -6.52
CA THR E 113 -10.32 -42.77 -5.22
C THR E 113 -10.04 -41.76 -4.11
N ARG E 114 -10.01 -42.27 -2.88
CA ARG E 114 -9.72 -41.44 -1.70
C ARG E 114 -8.24 -41.13 -1.69
N GLU E 115 -7.43 -42.09 -2.12
CA GLU E 115 -5.98 -41.89 -2.18
C GLU E 115 -5.63 -41.09 -3.41
N SER E 116 -6.45 -41.25 -4.46
CA SER E 116 -6.26 -40.55 -5.72
C SER E 116 -6.23 -39.05 -5.47
N VAL E 117 -7.39 -38.53 -5.08
CA VAL E 117 -7.56 -37.11 -4.81
C VAL E 117 -7.06 -36.69 -3.42
N ASN E 118 -8.00 -36.39 -2.55
CA ASN E 118 -7.78 -35.97 -1.18
C ASN E 118 -6.33 -35.83 -0.68
N ILE E 119 -5.53 -36.88 -0.83
CA ILE E 119 -4.16 -36.84 -0.34
C ILE E 119 -3.11 -36.11 -1.17
N ILE E 120 -3.20 -36.20 -2.49
CA ILE E 120 -2.20 -35.59 -3.36
C ILE E 120 -2.14 -34.05 -3.49
N ASP E 121 -0.93 -33.51 -3.26
CA ASP E 121 -0.63 -32.07 -3.34
C ASP E 121 0.74 -31.89 -4.01
N PRO E 122 0.83 -31.09 -5.09
CA PRO E 122 2.09 -30.86 -5.81
C PRO E 122 3.07 -29.80 -5.24
N ARG E 123 3.24 -28.73 -6.02
CA ARG E 123 4.12 -27.62 -5.68
C ARG E 123 3.26 -26.36 -5.54
N HIS E 124 1.99 -26.45 -5.92
CA HIS E 124 1.04 -25.36 -5.79
C HIS E 124 0.12 -25.76 -4.66
N ASN E 125 0.36 -26.95 -4.14
CA ASN E 125 -0.43 -27.44 -3.05
C ASN E 125 -1.89 -27.42 -3.49
N ARG E 126 -2.12 -27.81 -4.75
CA ARG E 126 -3.46 -27.85 -5.33
C ARG E 126 -3.94 -29.28 -5.40
N THR E 127 -5.21 -29.49 -5.06
CA THR E 127 -5.84 -30.80 -5.08
C THR E 127 -6.48 -30.99 -6.46
N VAL E 128 -6.92 -32.21 -6.75
CA VAL E 128 -7.54 -32.50 -8.05
C VAL E 128 -8.66 -31.51 -8.42
N LEU E 129 -9.66 -31.37 -7.57
CA LEU E 129 -10.75 -30.42 -7.87
C LEU E 129 -10.13 -29.06 -8.13
N HIS E 130 -9.05 -28.74 -7.42
CA HIS E 130 -8.40 -27.45 -7.63
C HIS E 130 -8.11 -27.34 -9.13
N TRP E 131 -7.43 -28.34 -9.68
CA TRP E 131 -7.14 -28.32 -11.09
C TRP E 131 -8.43 -28.49 -11.90
N ILE E 132 -9.33 -29.35 -11.45
CA ILE E 132 -10.57 -29.53 -12.19
C ILE E 132 -11.26 -28.17 -12.24
N ALA E 133 -11.42 -27.56 -11.07
CA ALA E 133 -12.05 -26.25 -10.96
C ALA E 133 -11.49 -25.36 -12.03
N SER E 134 -10.16 -25.30 -12.08
CA SER E 134 -9.43 -24.52 -13.08
C SER E 134 -10.02 -24.87 -14.45
N ASN E 135 -11.15 -24.25 -14.72
CA ASN E 135 -11.88 -24.44 -15.97
C ASN E 135 -10.92 -24.14 -17.13
N SER E 136 -9.66 -23.89 -16.80
CA SER E 136 -8.63 -23.59 -17.78
C SER E 136 -8.29 -24.81 -18.57
N SER E 137 -9.10 -25.85 -18.41
CA SER E 137 -8.89 -27.08 -19.16
C SER E 137 -9.25 -26.75 -20.60
N ALA E 138 -8.67 -25.65 -21.08
CA ALA E 138 -8.87 -25.14 -22.42
C ALA E 138 -8.82 -26.28 -23.45
N GLU E 139 -9.12 -25.92 -24.70
CA GLU E 139 -9.20 -26.86 -25.82
C GLU E 139 -10.64 -27.33 -25.76
N LYS E 140 -11.30 -26.90 -24.69
CA LYS E 140 -12.70 -27.21 -24.41
C LYS E 140 -12.98 -28.65 -24.02
N SER E 141 -13.51 -28.82 -22.81
CA SER E 141 -13.89 -30.13 -22.30
C SER E 141 -15.13 -29.81 -21.46
N GLU E 142 -16.04 -29.10 -22.12
CA GLU E 142 -17.31 -28.61 -21.57
C GLU E 142 -17.88 -29.27 -20.32
N ASP E 143 -18.98 -30.00 -20.48
CA ASP E 143 -19.67 -30.64 -19.35
C ASP E 143 -18.91 -31.64 -18.49
N LEU E 144 -17.84 -32.23 -18.99
CA LEU E 144 -17.13 -33.21 -18.19
C LEU E 144 -16.58 -32.65 -16.90
N ILE E 145 -16.16 -31.40 -16.92
CA ILE E 145 -15.62 -30.80 -15.72
C ILE E 145 -16.61 -30.96 -14.57
N VAL E 146 -17.81 -30.44 -14.75
CA VAL E 146 -18.82 -30.53 -13.72
C VAL E 146 -18.86 -31.97 -13.21
N HIS E 147 -18.84 -32.90 -14.16
CA HIS E 147 -18.90 -34.32 -13.85
C HIS E 147 -17.58 -34.80 -13.27
N GLU E 148 -16.50 -34.65 -14.03
CA GLU E 148 -15.18 -35.06 -13.60
C GLU E 148 -14.86 -34.47 -12.22
N ALA E 149 -15.70 -33.54 -11.77
CA ALA E 149 -15.50 -32.96 -10.45
C ALA E 149 -16.27 -33.89 -9.53
N LYS E 150 -17.59 -33.90 -9.74
CA LYS E 150 -18.56 -34.70 -9.01
C LYS E 150 -18.02 -36.07 -8.68
N GLU E 151 -17.12 -36.53 -9.53
CA GLU E 151 -16.47 -37.82 -9.40
C GLU E 151 -15.60 -37.77 -8.14
N CYS E 152 -14.46 -37.13 -8.26
CA CYS E 152 -13.51 -37.02 -7.16
C CYS E 152 -14.16 -36.48 -5.90
N ILE E 153 -15.29 -35.79 -6.02
CA ILE E 153 -15.93 -35.29 -4.81
C ILE E 153 -16.78 -36.35 -4.12
N ALA E 154 -17.39 -37.22 -4.92
CA ALA E 154 -18.22 -38.29 -4.38
C ALA E 154 -17.36 -39.51 -4.03
N ALA E 155 -16.08 -39.43 -4.39
CA ALA E 155 -15.13 -40.48 -4.08
C ALA E 155 -14.37 -39.90 -2.90
N GLY E 156 -15.01 -38.97 -2.21
CA GLY E 156 -14.42 -38.32 -1.07
C GLY E 156 -13.54 -37.19 -1.56
N ALA E 157 -13.49 -36.08 -0.83
CA ALA E 157 -12.66 -34.95 -1.22
C ALA E 157 -12.78 -33.82 -0.22
N ASP E 158 -11.68 -33.12 0.02
CA ASP E 158 -11.70 -32.01 0.95
C ASP E 158 -12.17 -30.83 0.14
N VAL E 159 -13.44 -30.87 -0.21
CA VAL E 159 -14.10 -29.84 -0.99
C VAL E 159 -13.72 -28.43 -0.53
N ASN E 160 -13.00 -28.34 0.58
CA ASN E 160 -12.57 -27.05 1.09
C ASN E 160 -11.08 -26.91 1.29
N ALA E 161 -10.26 -27.57 0.47
CA ALA E 161 -8.80 -27.49 0.60
C ALA E 161 -8.26 -26.26 -0.09
N MSE E 162 -7.21 -25.68 0.46
CA MSE E 162 -6.63 -24.48 -0.11
C MSE E 162 -5.33 -24.72 -0.85
O MSE E 162 -4.49 -25.51 -0.42
CB MSE E 162 -6.42 -23.44 0.98
CG MSE E 162 -7.71 -23.05 1.70
SE MSE E 162 -7.48 -21.67 3.03
CE MSE E 162 -5.86 -22.32 3.87
N ASP E 163 -5.18 -24.02 -1.98
CA ASP E 163 -4.00 -24.13 -2.82
C ASP E 163 -3.00 -23.07 -2.44
N CYS E 164 -1.89 -23.07 -3.17
CA CYS E 164 -0.79 -22.14 -2.96
C CYS E 164 -1.32 -20.80 -2.46
N ASP E 165 -2.14 -20.16 -3.29
CA ASP E 165 -2.74 -18.85 -3.02
C ASP E 165 -3.97 -18.86 -2.12
N GLU E 166 -4.02 -19.82 -1.20
CA GLU E 166 -5.14 -19.96 -0.27
C GLU E 166 -6.53 -19.97 -0.94
N ASN E 167 -6.57 -20.51 -2.16
CA ASN E 167 -7.83 -20.59 -2.91
C ASN E 167 -8.55 -21.91 -2.76
N THR E 168 -9.77 -21.86 -2.26
CA THR E 168 -10.56 -23.06 -2.11
C THR E 168 -11.01 -23.42 -3.51
N PRO E 169 -11.22 -24.71 -3.81
CA PRO E 169 -11.66 -25.05 -5.18
C PRO E 169 -12.85 -24.18 -5.57
N LEU E 170 -13.83 -24.16 -4.68
CA LEU E 170 -15.02 -23.38 -4.91
C LEU E 170 -14.67 -21.97 -5.39
N MSE E 171 -13.56 -21.43 -4.92
CA MSE E 171 -13.17 -20.10 -5.36
C MSE E 171 -12.76 -20.16 -6.83
O MSE E 171 -13.43 -19.56 -7.68
CB MSE E 171 -12.04 -19.54 -4.47
CG MSE E 171 -11.53 -18.09 -4.80
SE MSE E 171 -12.71 -16.55 -4.50
CE MSE E 171 -13.41 -16.98 -2.79
N LEU E 172 -11.69 -20.89 -7.15
CA LEU E 172 -11.21 -20.98 -8.54
C LEU E 172 -12.41 -21.17 -9.45
N ALA E 173 -13.46 -21.71 -8.84
CA ALA E 173 -14.70 -21.96 -9.55
C ALA E 173 -15.34 -20.63 -9.93
N VAL E 174 -15.68 -19.82 -8.94
CA VAL E 174 -16.28 -18.49 -9.16
C VAL E 174 -15.36 -17.62 -10.01
N LEU E 175 -14.06 -17.91 -9.91
CA LEU E 175 -13.07 -17.20 -10.68
C LEU E 175 -13.38 -17.50 -12.14
N ALA E 176 -13.52 -18.78 -12.46
CA ALA E 176 -13.81 -19.19 -13.84
C ALA E 176 -15.29 -19.09 -14.17
N ARG E 177 -16.06 -18.70 -13.16
CA ARG E 177 -17.51 -18.54 -13.24
C ARG E 177 -18.30 -19.78 -13.64
N ARG E 178 -17.79 -20.95 -13.26
CA ARG E 178 -18.48 -22.20 -13.56
C ARG E 178 -19.65 -22.40 -12.56
N ARG E 179 -20.57 -21.44 -12.53
CA ARG E 179 -21.73 -21.48 -11.64
C ARG E 179 -22.33 -22.88 -11.36
N ARG E 180 -22.32 -23.74 -12.37
CA ARG E 180 -22.84 -25.08 -12.19
C ARG E 180 -21.90 -25.77 -11.20
N LEU E 181 -20.68 -26.01 -11.65
CA LEU E 181 -19.64 -26.68 -10.85
C LEU E 181 -19.68 -26.17 -9.43
N VAL E 182 -19.95 -24.87 -9.30
CA VAL E 182 -20.04 -24.28 -7.99
C VAL E 182 -21.21 -24.90 -7.27
N ALA E 183 -22.38 -24.74 -7.88
CA ALA E 183 -23.63 -25.26 -7.34
C ALA E 183 -23.45 -26.63 -6.68
N TYR E 184 -22.86 -27.57 -7.42
CA TYR E 184 -22.63 -28.90 -6.85
C TYR E 184 -21.64 -28.72 -5.74
N LEU E 185 -20.51 -28.11 -6.09
CA LEU E 185 -19.42 -27.84 -5.16
C LEU E 185 -19.93 -27.41 -3.79
N MSE E 186 -20.79 -26.39 -3.75
CA MSE E 186 -21.33 -25.97 -2.48
C MSE E 186 -22.13 -27.12 -1.85
O MSE E 186 -21.93 -27.46 -0.68
CB MSE E 186 -22.25 -24.76 -2.66
CG MSE E 186 -21.58 -23.44 -2.95
SE MSE E 186 -22.60 -22.08 -2.06
CE MSE E 186 -23.38 -21.13 -3.52
N LYS E 187 -23.01 -27.71 -2.63
CA LYS E 187 -23.86 -28.79 -2.15
C LYS E 187 -23.04 -29.91 -1.51
N ALA E 188 -21.81 -30.06 -1.97
CA ALA E 188 -20.92 -31.08 -1.43
C ALA E 188 -20.37 -30.69 -0.07
N GLY E 189 -20.95 -29.64 0.51
CA GLY E 189 -20.48 -29.18 1.81
C GLY E 189 -19.33 -28.18 1.72
N ALA E 190 -19.19 -27.56 0.55
CA ALA E 190 -18.14 -26.58 0.31
C ALA E 190 -18.50 -25.25 0.94
N ASP E 191 -17.50 -24.57 1.49
CA ASP E 191 -17.73 -23.28 2.11
C ASP E 191 -17.24 -22.17 1.19
N PRO E 192 -18.15 -21.26 0.80
CA PRO E 192 -17.73 -20.17 -0.08
C PRO E 192 -16.86 -19.31 0.81
N THR E 193 -17.47 -18.78 1.87
CA THR E 193 -16.82 -17.96 2.89
C THR E 193 -15.29 -17.94 2.85
N ILE E 194 -14.68 -19.05 3.24
CA ILE E 194 -13.22 -19.17 3.24
C ILE E 194 -12.57 -18.30 2.18
N TYR E 195 -12.02 -17.17 2.61
CA TYR E 195 -11.37 -16.22 1.70
C TYR E 195 -9.98 -16.69 1.40
N ASN E 196 -9.37 -16.10 0.37
CA ASN E 196 -8.00 -16.46 -0.05
C ASN E 196 -6.88 -15.57 0.50
N LYS E 197 -5.76 -15.56 -0.22
CA LYS E 197 -4.61 -14.75 0.17
C LYS E 197 -5.02 -13.30 0.09
N SER E 198 -6.00 -13.02 -0.77
CA SER E 198 -6.45 -11.66 -0.92
C SER E 198 -7.56 -11.34 0.07
N GLU E 199 -7.54 -11.98 1.23
CA GLU E 199 -8.57 -11.71 2.24
C GLU E 199 -9.89 -11.37 1.57
N ARG E 200 -10.24 -12.12 0.54
CA ARG E 200 -11.46 -11.89 -0.24
C ARG E 200 -12.42 -13.06 -0.14
N SER E 201 -13.65 -12.79 0.30
CA SER E 201 -14.68 -13.83 0.41
C SER E 201 -14.99 -14.32 -1.01
N ALA E 202 -15.97 -15.19 -1.12
CA ALA E 202 -16.33 -15.67 -2.45
C ALA E 202 -17.15 -14.58 -3.08
N LEU E 203 -18.00 -13.97 -2.28
CA LEU E 203 -18.86 -12.92 -2.78
C LEU E 203 -18.04 -11.77 -3.36
N HIS E 204 -16.86 -11.50 -2.81
CA HIS E 204 -16.05 -10.41 -3.36
C HIS E 204 -15.78 -10.76 -4.83
N GLN E 205 -15.18 -11.93 -5.06
CA GLN E 205 -14.86 -12.39 -6.41
C GLN E 205 -16.04 -12.31 -7.34
N ALA E 206 -17.20 -12.77 -6.89
CA ALA E 206 -18.40 -12.65 -7.70
C ALA E 206 -18.34 -11.19 -8.11
N ALA E 207 -18.45 -10.28 -7.14
CA ALA E 207 -18.38 -8.84 -7.42
C ALA E 207 -17.11 -8.48 -8.18
N ALA E 208 -15.98 -9.04 -7.76
CA ALA E 208 -14.69 -8.78 -8.40
C ALA E 208 -14.76 -8.75 -9.93
N ASN E 209 -15.50 -9.70 -10.51
CA ASN E 209 -15.69 -9.78 -11.96
C ASN E 209 -17.18 -9.78 -12.27
N ARG E 210 -17.89 -8.92 -11.55
CA ARG E 210 -19.33 -8.73 -11.63
C ARG E 210 -20.17 -9.78 -12.38
N ASP E 211 -20.27 -10.96 -11.78
CA ASP E 211 -21.07 -12.04 -12.35
C ASP E 211 -22.34 -12.10 -11.50
N PHE E 212 -23.28 -11.21 -11.80
CA PHE E 212 -24.56 -11.15 -11.08
C PHE E 212 -25.01 -12.49 -10.51
N GLY E 213 -25.50 -13.34 -11.38
CA GLY E 213 -25.99 -14.64 -10.97
C GLY E 213 -25.14 -15.31 -9.94
N MSE E 214 -23.90 -15.60 -10.32
CA MSE E 214 -22.97 -16.25 -9.44
C MSE E 214 -23.16 -15.86 -8.00
O MSE E 214 -23.06 -16.70 -7.11
CB MSE E 214 -21.54 -15.97 -9.85
CG MSE E 214 -20.57 -16.62 -8.90
SE MSE E 214 -21.01 -18.48 -8.58
CE MSE E 214 -19.86 -19.22 -9.95
N MSE E 215 -23.42 -14.58 -7.74
CA MSE E 215 -23.63 -14.20 -6.37
C MSE E 215 -25.07 -14.40 -5.95
O MSE E 215 -25.32 -15.02 -4.92
CB MSE E 215 -23.14 -12.76 -6.07
CG MSE E 215 -23.56 -11.62 -6.98
SE MSE E 215 -22.63 -9.92 -6.50
CE MSE E 215 -21.24 -9.89 -7.83
N VAL E 216 -26.02 -13.92 -6.75
CA VAL E 216 -27.43 -14.10 -6.38
C VAL E 216 -27.72 -15.57 -6.04
N TYR E 217 -26.91 -16.45 -6.58
CA TYR E 217 -27.07 -17.86 -6.28
C TYR E 217 -26.49 -18.13 -4.90
N MSE E 218 -25.22 -17.79 -4.69
CA MSE E 218 -24.55 -18.00 -3.40
C MSE E 218 -25.19 -17.30 -2.22
O MSE E 218 -25.00 -17.70 -1.07
CB MSE E 218 -23.08 -17.60 -3.45
CG MSE E 218 -22.29 -18.33 -4.47
SE MSE E 218 -20.58 -17.51 -4.60
CE MSE E 218 -19.47 -19.07 -4.37
N LEU E 219 -25.94 -16.23 -2.49
CA LEU E 219 -26.59 -15.51 -1.39
C LEU E 219 -27.77 -16.26 -0.77
N ASN E 220 -27.66 -17.58 -0.68
CA ASN E 220 -28.74 -18.37 -0.10
C ASN E 220 -28.28 -19.17 1.12
N SER E 221 -26.96 -19.23 1.33
CA SER E 221 -26.41 -19.92 2.48
C SER E 221 -26.47 -18.95 3.62
N THR E 222 -27.00 -19.39 4.76
CA THR E 222 -27.10 -18.52 5.91
C THR E 222 -25.74 -17.93 6.27
N LYS E 223 -24.72 -18.80 6.31
CA LYS E 223 -23.37 -18.38 6.68
C LYS E 223 -22.73 -17.29 5.81
N LEU E 224 -23.08 -17.26 4.53
CA LEU E 224 -22.53 -16.28 3.59
C LEU E 224 -23.06 -14.89 3.90
N LYS E 225 -24.37 -14.77 4.02
CA LYS E 225 -24.97 -13.47 4.31
C LYS E 225 -24.30 -12.95 5.56
N GLY E 226 -23.82 -13.87 6.40
CA GLY E 226 -23.16 -13.46 7.62
C GLY E 226 -22.00 -12.54 7.30
N ASP E 227 -21.13 -13.01 6.43
CA ASP E 227 -19.95 -12.27 6.01
C ASP E 227 -20.26 -11.34 4.86
N ILE E 228 -21.43 -10.67 4.92
CA ILE E 228 -21.81 -9.73 3.87
C ILE E 228 -20.96 -8.47 3.91
N GLU E 229 -20.71 -7.97 5.11
CA GLU E 229 -19.94 -6.75 5.29
C GLU E 229 -18.43 -6.95 5.27
N GLU E 230 -17.96 -8.14 5.64
CA GLU E 230 -16.52 -8.41 5.68
C GLU E 230 -15.76 -7.78 4.53
N LEU E 231 -14.60 -7.19 4.82
CA LEU E 231 -13.82 -6.55 3.76
C LEU E 231 -12.49 -7.19 3.36
N ASP E 232 -12.24 -7.18 2.05
CA ASP E 232 -11.05 -7.77 1.47
C ASP E 232 -9.72 -7.16 1.86
N ARG E 233 -8.71 -7.57 1.11
CA ARG E 233 -7.36 -7.14 1.30
C ARG E 233 -7.21 -5.64 1.16
N ASN E 234 -8.13 -4.98 0.46
CA ASN E 234 -8.03 -3.54 0.30
C ASN E 234 -9.17 -2.89 1.04
N GLY E 235 -9.67 -3.61 2.04
CA GLY E 235 -10.75 -3.10 2.87
C GLY E 235 -11.97 -2.63 2.12
N MSE E 236 -12.50 -3.53 1.30
CA MSE E 236 -13.67 -3.24 0.54
C MSE E 236 -14.64 -4.39 0.71
O MSE E 236 -14.22 -5.53 0.87
CB MSE E 236 -13.32 -3.01 -0.92
CG MSE E 236 -12.52 -1.76 -1.13
SE MSE E 236 -12.24 -1.47 -3.00
CE MSE E 236 -10.94 -2.87 -3.32
N THR E 237 -15.92 -4.05 0.69
CA THR E 237 -17.01 -5.00 0.86
C THR E 237 -17.63 -5.43 -0.46
N ALA E 238 -18.86 -5.92 -0.37
CA ALA E 238 -19.60 -6.34 -1.52
C ALA E 238 -19.79 -5.12 -2.40
N LEU E 239 -20.81 -4.32 -2.09
CA LEU E 239 -21.12 -3.14 -2.89
C LEU E 239 -19.88 -2.36 -3.18
N MSE E 240 -19.10 -2.10 -2.14
CA MSE E 240 -17.88 -1.36 -2.34
C MSE E 240 -17.27 -1.81 -3.69
O MSE E 240 -17.08 -0.99 -4.59
CB MSE E 240 -16.91 -1.60 -1.18
CG MSE E 240 -16.37 -0.29 -0.56
SE MSE E 240 -16.34 -0.33 1.37
CE MSE E 240 -18.24 -0.27 1.70
N ILE E 241 -17.04 -3.11 -3.87
CA ILE E 241 -16.46 -3.54 -5.13
C ILE E 241 -17.44 -3.33 -6.28
N VAL E 242 -18.73 -3.49 -6.01
CA VAL E 242 -19.76 -3.29 -7.04
C VAL E 242 -19.68 -1.86 -7.52
N ALA E 243 -20.07 -0.94 -6.66
CA ALA E 243 -20.04 0.46 -7.02
C ALA E 243 -18.76 0.81 -7.75
N HIS E 244 -17.69 0.08 -7.48
CA HIS E 244 -16.42 0.38 -8.12
C HIS E 244 -16.35 0.02 -9.61
N ASN E 245 -17.15 -0.97 -10.03
CA ASN E 245 -17.16 -1.37 -11.44
C ASN E 245 -18.54 -1.10 -12.05
N GLU E 246 -18.55 -0.61 -13.29
CA GLU E 246 -19.81 -0.27 -13.95
C GLU E 246 -20.46 -1.44 -14.69
N GLY E 247 -21.61 -1.16 -15.33
CA GLY E 247 -22.35 -2.16 -16.05
C GLY E 247 -23.84 -2.07 -15.72
N ARG E 248 -24.62 -2.99 -16.30
CA ARG E 248 -26.08 -3.05 -16.14
C ARG E 248 -26.65 -3.99 -15.05
N ASP E 249 -25.88 -5.01 -14.68
CA ASP E 249 -26.34 -5.93 -13.63
C ASP E 249 -25.97 -5.30 -12.29
N GLN E 250 -24.86 -4.57 -12.32
CA GLN E 250 -24.34 -3.84 -11.18
C GLN E 250 -25.45 -3.25 -10.32
N VAL E 251 -26.07 -2.19 -10.83
CA VAL E 251 -27.13 -1.47 -10.13
C VAL E 251 -28.18 -2.41 -9.53
N ALA E 252 -28.11 -3.68 -9.92
CA ALA E 252 -29.03 -4.68 -9.43
C ALA E 252 -28.29 -5.59 -8.48
N SER E 253 -27.06 -5.92 -8.85
CA SER E 253 -26.22 -6.76 -8.02
C SER E 253 -26.27 -6.05 -6.66
N ALA E 254 -26.47 -4.74 -6.72
CA ALA E 254 -26.56 -3.92 -5.52
C ALA E 254 -27.89 -4.16 -4.82
N LYS E 255 -28.96 -3.78 -5.50
CA LYS E 255 -30.31 -3.93 -4.96
C LYS E 255 -30.35 -5.28 -4.28
N LEU E 256 -29.57 -6.22 -4.83
CA LEU E 256 -29.51 -7.57 -4.27
C LEU E 256 -28.94 -7.56 -2.86
N LEU E 257 -27.66 -7.20 -2.76
CA LEU E 257 -26.94 -7.16 -1.48
C LEU E 257 -27.69 -6.40 -0.39
N VAL E 258 -28.22 -5.24 -0.73
CA VAL E 258 -28.99 -4.42 0.23
C VAL E 258 -30.23 -5.19 0.67
N GLU E 259 -30.80 -5.95 -0.25
CA GLU E 259 -31.97 -6.77 0.02
C GLU E 259 -31.49 -7.93 0.88
N LYS E 260 -30.41 -8.56 0.43
CA LYS E 260 -29.84 -9.69 1.14
C LYS E 260 -29.62 -9.42 2.62
N GLY E 261 -28.99 -8.28 2.93
CA GLY E 261 -28.77 -7.96 4.33
C GLY E 261 -27.54 -7.11 4.60
N ALA E 262 -27.37 -6.07 3.80
CA ALA E 262 -26.22 -5.20 3.95
C ALA E 262 -26.63 -3.73 4.02
N LYS E 263 -26.10 -3.03 5.03
CA LYS E 263 -26.37 -1.61 5.22
C LYS E 263 -25.66 -0.88 4.09
N VAL E 264 -26.31 0.13 3.53
CA VAL E 264 -25.75 0.88 2.42
C VAL E 264 -24.59 1.73 2.85
N ASP E 265 -24.74 2.41 3.98
CA ASP E 265 -23.70 3.28 4.53
C ASP E 265 -22.87 2.59 5.61
N TYR E 266 -21.88 1.81 5.19
CA TYR E 266 -20.97 1.13 6.09
C TYR E 266 -19.56 1.58 5.72
N ASP E 267 -18.85 2.11 6.70
CA ASP E 267 -17.53 2.66 6.46
C ASP E 267 -16.31 1.81 6.75
N GLY E 268 -16.50 0.65 7.38
CA GLY E 268 -15.37 -0.20 7.74
C GLY E 268 -15.28 -0.34 9.26
N ALA E 269 -16.17 0.36 9.94
CA ALA E 269 -16.27 0.36 11.38
C ALA E 269 -15.85 -0.90 12.13
N ALA E 270 -16.48 -2.03 11.86
CA ALA E 270 -16.07 -3.25 12.54
C ALA E 270 -14.58 -3.45 12.30
N ARG E 271 -13.94 -2.43 11.77
CA ARG E 271 -12.52 -2.54 11.51
C ARG E 271 -11.70 -1.29 11.87
N LYS E 272 -12.41 -0.22 12.29
CA LYS E 272 -11.78 1.03 12.72
C LYS E 272 -10.61 0.61 13.59
N ASP E 273 -10.81 -0.55 14.19
CA ASP E 273 -9.83 -1.20 15.04
C ASP E 273 -8.53 -1.24 14.27
N SER E 274 -7.62 -2.09 14.69
CA SER E 274 -6.33 -2.16 14.03
C SER E 274 -6.35 -2.12 12.51
N GLU E 275 -6.11 -3.27 11.92
CA GLU E 275 -6.05 -3.35 10.48
C GLU E 275 -6.47 -2.09 9.77
N LYS E 276 -5.42 -1.41 9.28
CA LYS E 276 -5.46 -0.19 8.51
C LYS E 276 -6.33 -0.30 7.27
N TYR E 277 -7.59 -0.58 7.46
CA TYR E 277 -8.49 -0.68 6.35
C TYR E 277 -9.55 0.32 6.76
N LYS E 278 -10.08 1.12 5.85
CA LYS E 278 -11.06 2.10 6.26
C LYS E 278 -11.18 3.31 5.35
N GLY E 279 -12.12 4.16 5.74
CA GLY E 279 -12.39 5.39 5.04
C GLY E 279 -13.78 5.56 4.47
N ARG E 280 -13.82 5.33 3.17
CA ARG E 280 -14.99 5.47 2.31
C ARG E 280 -16.22 4.62 2.55
N THR E 281 -17.18 4.73 1.63
CA THR E 281 -18.43 3.95 1.70
C THR E 281 -19.27 3.87 0.43
N ALA E 282 -19.05 2.81 -0.35
CA ALA E 282 -19.82 2.60 -1.57
C ALA E 282 -19.83 3.87 -2.39
N LEU E 283 -20.85 4.69 -2.12
CA LEU E 283 -21.02 5.96 -2.80
C LEU E 283 -19.67 6.58 -3.14
N HIS E 284 -18.72 6.55 -2.21
CA HIS E 284 -17.41 7.12 -2.53
C HIS E 284 -16.92 6.50 -3.83
N TYR E 285 -16.71 5.20 -3.81
CA TYR E 285 -16.21 4.50 -4.98
C TYR E 285 -16.97 4.80 -6.26
N ALA E 286 -18.28 4.85 -6.20
CA ALA E 286 -19.00 5.16 -7.41
C ALA E 286 -18.47 6.54 -7.79
N ALA E 287 -18.83 7.50 -6.96
CA ALA E 287 -18.41 8.86 -7.14
C ALA E 287 -17.04 8.88 -7.75
N GLN E 288 -16.05 8.28 -7.08
CA GLN E 288 -14.69 8.26 -7.61
C GLN E 288 -14.74 7.77 -9.05
N VAL E 289 -14.42 8.68 -9.97
CA VAL E 289 -14.51 8.41 -11.40
C VAL E 289 -15.77 7.58 -11.69
N SER E 290 -16.81 8.33 -12.03
CA SER E 290 -18.15 7.85 -12.35
C SER E 290 -18.56 6.38 -12.25
N ASN E 291 -19.87 6.21 -12.19
CA ASN E 291 -20.58 4.94 -12.11
C ASN E 291 -21.98 5.43 -11.83
N MSE E 292 -22.23 6.65 -12.29
CA MSE E 292 -23.52 7.31 -12.12
C MSE E 292 -24.66 6.39 -11.73
O MSE E 292 -25.27 6.55 -10.68
CB MSE E 292 -23.87 8.09 -13.38
CG MSE E 292 -23.18 9.44 -13.47
SE MSE E 292 -23.53 10.40 -11.83
CE MSE E 292 -25.45 10.31 -11.82
N PRO E 293 -24.96 5.39 -12.58
CA PRO E 293 -26.05 4.46 -12.28
C PRO E 293 -26.19 4.12 -10.78
N ILE E 294 -25.04 3.99 -10.11
CA ILE E 294 -25.03 3.66 -8.71
C ILE E 294 -25.19 4.88 -7.83
N VAL E 295 -24.41 5.93 -8.07
CA VAL E 295 -24.52 7.14 -7.24
C VAL E 295 -25.99 7.57 -7.24
N LYS E 296 -26.67 7.31 -8.36
CA LYS E 296 -28.08 7.63 -8.50
C LYS E 296 -28.87 6.66 -7.65
N TYR E 297 -28.47 5.39 -7.66
CA TYR E 297 -29.17 4.38 -6.88
C TYR E 297 -29.00 4.62 -5.41
N LEU E 298 -27.80 4.97 -5.02
CA LEU E 298 -27.49 5.19 -3.63
C LEU E 298 -28.05 6.48 -3.05
N VAL E 299 -27.78 7.62 -3.69
CA VAL E 299 -28.27 8.91 -3.22
C VAL E 299 -29.76 9.09 -3.54
N GLY E 300 -30.28 8.21 -4.40
CA GLY E 300 -31.68 8.27 -4.78
C GLY E 300 -32.55 7.20 -4.13
N GLU E 301 -31.98 6.02 -3.86
CA GLU E 301 -32.76 4.97 -3.23
C GLU E 301 -33.19 5.45 -1.85
N LYS E 302 -32.22 5.71 -0.99
CA LYS E 302 -32.45 6.18 0.38
C LYS E 302 -31.20 5.99 1.22
N GLY E 303 -30.66 7.09 1.70
CA GLY E 303 -29.47 7.03 2.51
C GLY E 303 -28.28 7.71 1.86
N SER E 304 -27.10 7.17 2.16
CA SER E 304 -25.83 7.67 1.68
C SER E 304 -25.78 9.18 1.88
N ASN E 305 -25.13 9.61 2.95
CA ASN E 305 -25.03 11.04 3.18
C ASN E 305 -23.85 11.55 2.34
N LYS E 306 -24.18 12.19 1.24
CA LYS E 306 -23.18 12.72 0.33
C LYS E 306 -22.13 13.57 1.04
N ASP E 307 -22.37 13.82 2.33
CA ASP E 307 -21.48 14.63 3.15
C ASP E 307 -20.60 13.80 4.08
N LYS E 308 -20.39 12.53 3.76
CA LYS E 308 -19.55 11.66 4.59
C LYS E 308 -18.08 11.84 4.27
N GLN E 309 -17.24 11.63 5.28
CA GLN E 309 -15.81 11.79 5.07
C GLN E 309 -15.03 10.51 5.41
N ASP E 310 -14.08 10.15 4.54
CA ASP E 310 -13.26 8.96 4.73
C ASP E 310 -12.14 9.32 5.70
N GLU E 311 -11.20 8.40 5.92
CA GLU E 311 -10.09 8.68 6.86
C GLU E 311 -9.17 9.80 6.35
N ASP E 312 -9.56 10.43 5.26
CA ASP E 312 -8.80 11.53 4.70
C ASP E 312 -9.79 12.68 4.71
N GLY E 313 -10.93 12.45 5.35
CA GLY E 313 -11.95 13.48 5.43
C GLY E 313 -12.46 13.97 4.10
N LYS E 314 -12.89 13.05 3.24
CA LYS E 314 -13.39 13.45 1.94
C LYS E 314 -14.86 13.15 1.63
N THR E 315 -15.52 14.14 1.06
CA THR E 315 -16.89 13.98 0.67
C THR E 315 -16.79 13.42 -0.73
N PRO E 316 -17.58 12.38 -1.04
CA PRO E 316 -17.54 11.80 -2.38
C PRO E 316 -17.30 12.88 -3.45
N ILE E 317 -18.12 13.94 -3.38
CA ILE E 317 -18.01 15.07 -4.29
C ILE E 317 -16.53 15.31 -4.53
N MSE E 318 -15.84 15.54 -3.42
CA MSE E 318 -14.41 15.80 -3.45
C MSE E 318 -13.71 14.72 -4.26
O MSE E 318 -13.11 14.99 -5.31
CB MSE E 318 -13.84 15.83 -2.01
CG MSE E 318 -14.42 16.93 -1.12
SE MSE E 318 -13.69 16.92 0.66
CE MSE E 318 -11.84 16.82 0.15
N LEU E 319 -13.79 13.49 -3.78
CA LEU E 319 -13.17 12.38 -4.48
C LEU E 319 -13.46 12.67 -5.93
N ALA E 320 -14.76 12.69 -6.27
CA ALA E 320 -15.19 12.95 -7.63
C ALA E 320 -14.40 14.13 -8.21
N ALA E 321 -14.53 15.28 -7.55
CA ALA E 321 -13.84 16.49 -7.97
C ALA E 321 -12.34 16.27 -8.17
N GLN E 322 -11.77 15.47 -7.30
CA GLN E 322 -10.34 15.20 -7.39
C GLN E 322 -10.01 14.49 -8.69
N GLU E 323 -10.68 13.35 -8.93
CA GLU E 323 -10.49 12.53 -10.12
C GLU E 323 -10.90 13.26 -11.38
N GLY E 324 -11.89 14.12 -11.26
CA GLY E 324 -12.36 14.91 -12.39
C GLY E 324 -13.65 14.53 -13.09
N ARG E 325 -14.60 13.96 -12.36
CA ARG E 325 -15.85 13.58 -12.99
C ARG E 325 -16.96 14.62 -12.90
N ILE E 326 -16.95 15.58 -13.82
CA ILE E 326 -17.95 16.63 -13.84
C ILE E 326 -19.36 16.06 -13.76
N GLU E 327 -19.59 14.96 -14.49
CA GLU E 327 -20.89 14.33 -14.51
C GLU E 327 -21.41 14.14 -13.08
N VAL E 328 -20.65 13.41 -12.27
CA VAL E 328 -21.07 13.15 -10.90
C VAL E 328 -21.13 14.44 -10.08
N VAL E 329 -20.15 15.32 -10.28
CA VAL E 329 -20.10 16.58 -9.53
C VAL E 329 -21.49 17.22 -9.46
N MSE E 330 -22.02 17.53 -10.64
CA MSE E 330 -23.31 18.16 -10.81
C MSE E 330 -24.47 17.45 -10.11
O MSE E 330 -25.27 18.11 -9.44
CB MSE E 330 -23.62 18.34 -12.31
CG MSE E 330 -22.77 19.42 -12.96
SE MSE E 330 -22.84 19.50 -14.90
CE MSE E 330 -21.00 19.05 -15.28
N TYR E 331 -24.59 16.14 -10.26
CA TYR E 331 -25.69 15.45 -9.61
C TYR E 331 -25.60 15.72 -8.10
N LEU E 332 -24.46 15.36 -7.53
CA LEU E 332 -24.24 15.56 -6.10
C LEU E 332 -24.61 16.97 -5.70
N ILE E 333 -24.05 17.97 -6.39
CA ILE E 333 -24.35 19.35 -6.07
C ILE E 333 -25.87 19.48 -5.99
N GLN E 334 -26.51 19.22 -7.13
CA GLN E 334 -27.94 19.28 -7.28
C GLN E 334 -28.72 18.65 -6.12
N GLN E 335 -28.23 17.52 -5.62
CA GLN E 335 -28.91 16.86 -4.53
C GLN E 335 -28.68 17.47 -3.14
N GLY E 336 -27.92 18.56 -3.09
CA GLY E 336 -27.67 19.23 -1.83
C GLY E 336 -26.48 18.75 -1.01
N ALA E 337 -25.48 18.20 -1.70
CA ALA E 337 -24.28 17.71 -1.02
C ALA E 337 -23.37 18.88 -0.66
N SER E 338 -23.14 19.05 0.63
CA SER E 338 -22.29 20.12 1.13
C SER E 338 -21.02 20.25 0.29
N VAL E 339 -20.66 21.49 0.03
CA VAL E 339 -19.46 21.79 -0.72
C VAL E 339 -18.60 22.59 0.27
N GLU E 340 -19.21 22.93 1.39
CA GLU E 340 -18.56 23.69 2.43
C GLU E 340 -17.36 22.95 3.04
N ALA E 341 -17.66 21.91 3.82
CA ALA E 341 -16.66 21.09 4.51
C ALA E 341 -15.36 20.80 3.74
N VAL E 342 -14.26 20.75 4.49
CA VAL E 342 -12.94 20.48 3.92
C VAL E 342 -12.34 19.17 4.41
N ASP E 343 -11.33 18.70 3.67
CA ASP E 343 -10.67 17.44 3.98
C ASP E 343 -9.83 17.46 5.24
N ALA E 344 -8.73 16.73 5.20
CA ALA E 344 -7.84 16.62 6.34
C ALA E 344 -6.80 17.73 6.32
N THR E 345 -6.34 18.08 5.14
CA THR E 345 -5.36 19.12 5.02
C THR E 345 -6.03 20.46 4.64
N ASP E 346 -7.21 20.69 5.21
CA ASP E 346 -7.96 21.92 4.96
C ASP E 346 -8.02 22.33 3.49
N HIS E 347 -8.36 21.36 2.64
CA HIS E 347 -8.53 21.61 1.21
C HIS E 347 -10.01 21.36 0.94
N THR E 348 -10.47 21.67 -0.27
CA THR E 348 -11.86 21.43 -0.57
C THR E 348 -12.13 21.30 -2.05
N ALA E 349 -13.04 20.36 -2.36
CA ALA E 349 -13.48 20.05 -3.71
C ALA E 349 -12.90 20.93 -4.83
N ARG E 350 -13.15 22.24 -4.74
CA ARG E 350 -12.60 23.11 -5.77
C ARG E 350 -11.09 23.03 -5.71
N GLN E 351 -10.52 23.56 -4.64
CA GLN E 351 -9.06 23.57 -4.50
C GLN E 351 -8.47 22.27 -5.01
N LEU E 352 -9.21 21.17 -4.83
CA LEU E 352 -8.77 19.85 -5.29
C LEU E 352 -8.85 19.83 -6.80
N ALA E 353 -10.07 19.94 -7.31
CA ALA E 353 -10.31 19.97 -8.74
C ALA E 353 -9.32 21.00 -9.30
N GLN E 354 -9.32 22.19 -8.71
CA GLN E 354 -8.41 23.22 -9.14
C GLN E 354 -6.96 22.71 -9.15
N ALA E 355 -6.53 22.10 -8.04
CA ALA E 355 -5.16 21.58 -7.89
C ALA E 355 -4.70 20.62 -8.97
N ASN E 356 -5.60 19.75 -9.41
CA ASN E 356 -5.25 18.79 -10.46
C ASN E 356 -5.65 19.35 -11.81
N ASN E 357 -5.95 20.64 -11.83
CA ASN E 357 -6.33 21.33 -13.05
C ASN E 357 -7.56 20.76 -13.73
N HIS E 358 -8.71 20.86 -13.08
CA HIS E 358 -9.96 20.39 -13.68
C HIS E 358 -10.90 21.56 -13.70
N HIS E 359 -10.45 22.59 -14.42
CA HIS E 359 -11.15 23.84 -14.60
C HIS E 359 -12.63 23.62 -14.89
N ASN E 360 -12.93 22.74 -15.84
CA ASN E 360 -14.30 22.44 -16.18
C ASN E 360 -15.04 22.51 -14.84
N ILE E 361 -14.56 21.68 -13.92
CA ILE E 361 -15.12 21.58 -12.58
C ILE E 361 -15.01 22.87 -11.80
N VAL E 362 -13.80 23.39 -11.69
CA VAL E 362 -13.58 24.64 -10.97
C VAL E 362 -14.76 25.57 -11.25
N ASP E 363 -14.84 26.01 -12.50
CA ASP E 363 -15.89 26.91 -12.95
C ASP E 363 -17.29 26.47 -12.53
N ILE E 364 -17.55 25.16 -12.54
CA ILE E 364 -18.88 24.68 -12.15
C ILE E 364 -19.22 25.09 -10.73
N PHE E 365 -18.18 25.22 -9.90
CA PHE E 365 -18.36 25.60 -8.51
C PHE E 365 -18.63 27.09 -8.39
N ASP E 366 -17.90 27.88 -9.17
CA ASP E 366 -18.05 29.32 -9.17
C ASP E 366 -19.29 29.72 -9.97
N ARG E 367 -19.77 28.76 -10.77
CA ARG E 367 -20.96 28.98 -11.58
C ARG E 367 -22.16 28.70 -10.69
N CYS E 368 -21.89 28.17 -9.49
CA CYS E 368 -22.93 27.84 -8.52
C CYS E 368 -23.21 29.05 -7.62
N ARG E 369 -22.57 29.10 -6.44
CA ARG E 369 -22.76 30.21 -5.50
C ARG E 369 -21.51 31.10 -5.45
#